data_1B5F
#
_entry.id   1B5F
#
_cell.length_a   116.964
_cell.length_b   87.186
_cell.length_c   81.303
_cell.angle_alpha   90.00
_cell.angle_beta   104.43
_cell.angle_gamma   90.00
#
_symmetry.space_group_name_H-M   'C 1 2 1'
#
loop_
_entity.id
_entity.type
_entity.pdbx_description
1 polymer 'PROTEIN (CARDOSIN A)'
2 polymer 'PROTEIN (CARDOSIN A)'
3 branched alpha-D-mannopyranose-(1-3)-beta-D-mannopyranose-(1-4)-2-acetamido-2-deoxy-beta-D-glucopyranose-(1-4)-[alpha-L-fucopyranose-(1-3)]2-acetamido-2-deoxy-beta-D-glucopyranose
4 branched beta-D-mannopyranose-(1-4)-2-acetamido-2-deoxy-beta-D-glucopyranose-(1-4)-[alpha-L-fucopyranose-(1-3)]2-acetamido-2-deoxy-beta-D-glucopyranose
5 branched alpha-D-mannopyranose-(1-3)-[alpha-D-mannopyranose-(1-6)]beta-D-mannopyranose-(1-4)-2-acetamido-2-deoxy-beta-D-glucopyranose-(1-4)-[alpha-L-fucopyranose-(1-3)]2-acetamido-2-deoxy-beta-D-glucopyranose
6 water water
#
loop_
_entity_poly.entity_id
_entity_poly.type
_entity_poly.pdbx_seq_one_letter_code
_entity_poly.pdbx_strand_id
1 'polypeptide(L)'
;GSAVVALTNDRDTSYFGEIGIGTPPQKFTVIFDTGSSVLWVPSSKCINSKACRAHSMYESSDSSTYKENGTFGAIIYGTG
SITGFFSQDSVTIGDLVVKEQDFIEATDEADNVFLHRLFDGILGLSFQTISVPVWYNMLNQGLVKERRFSFWLNRNVDEE
EGGELVFGGLDPNHFRGDHTYVPVTYQYYWQFGIGDVLIGDKSTGFCAPGCQAFADSGTSLLSGPTAIVTQINHAIGAN
;
A,C
2 'polypeptide(L)'
;EELQVDCNTLSSMPNVSFTIGGKKFGLTPEQYILKVGKGEATQCISGFTAMDATLLGPLWILGDVFMRPYHTVFDYGNLL
VGFAEAA
;
B,D
#
# COMPACT_ATOMS: atom_id res chain seq x y z
N GLY A 1 7.67 -5.06 -15.88
CA GLY A 1 8.84 -5.07 -15.02
C GLY A 1 8.53 -5.57 -13.63
N SER A 2 9.48 -6.22 -12.99
CA SER A 2 9.34 -6.87 -11.70
C SER A 2 8.52 -6.08 -10.68
N ALA A 3 8.41 -4.75 -10.75
CA ALA A 3 7.46 -4.11 -9.83
C ALA A 3 6.88 -2.84 -10.45
N VAL A 4 5.58 -2.73 -10.39
CA VAL A 4 4.84 -1.58 -10.88
C VAL A 4 4.23 -0.83 -9.70
N VAL A 5 4.51 0.46 -9.64
CA VAL A 5 3.97 1.34 -8.63
C VAL A 5 3.06 2.39 -9.30
N ALA A 6 1.79 2.37 -8.91
CA ALA A 6 0.84 3.36 -9.37
C ALA A 6 1.10 4.67 -8.64
N LEU A 7 1.14 5.73 -9.43
CA LEU A 7 1.37 7.07 -8.91
C LEU A 7 0.08 7.88 -8.92
N THR A 8 -0.02 8.66 -7.87
CA THR A 8 -1.03 9.69 -7.76
C THR A 8 -0.42 11.00 -8.21
N ASN A 9 -1.17 11.69 -9.05
CA ASN A 9 -0.91 13.02 -9.53
C ASN A 9 -1.71 14.02 -8.68
N ASP A 10 -0.98 14.82 -7.91
CA ASP A 10 -1.51 15.94 -7.16
C ASP A 10 -1.30 17.25 -7.93
N ARG A 11 -2.34 17.76 -8.58
CA ARG A 11 -2.33 19.04 -9.28
C ARG A 11 -1.19 19.21 -10.29
N ASP A 12 -0.73 18.17 -10.94
CA ASP A 12 0.40 18.22 -11.86
C ASP A 12 1.71 18.69 -11.25
N THR A 13 1.78 18.86 -9.93
CA THR A 13 3.02 19.36 -9.36
C THR A 13 3.73 18.36 -8.46
N SER A 14 3.04 17.28 -8.11
CA SER A 14 3.80 16.20 -7.49
C SER A 14 3.15 14.86 -7.83
N TYR A 15 4.01 13.84 -7.85
CA TYR A 15 3.54 12.50 -8.10
C TYR A 15 4.05 11.57 -7.00
N PHE A 16 3.18 10.76 -6.43
CA PHE A 16 3.61 9.87 -5.35
C PHE A 16 2.84 8.57 -5.36
N GLY A 17 3.37 7.62 -4.61
CA GLY A 17 2.86 6.28 -4.48
C GLY A 17 3.23 5.71 -3.13
N GLU A 18 2.90 4.43 -2.95
CA GLU A 18 2.96 3.82 -1.62
C GLU A 18 4.19 2.95 -1.50
N ILE A 19 4.71 2.96 -0.28
CA ILE A 19 5.68 1.97 0.13
C ILE A 19 5.31 1.50 1.54
N GLY A 20 5.91 0.39 1.93
CA GLY A 20 5.82 -0.12 3.29
C GLY A 20 7.22 -0.18 3.88
N ILE A 21 7.32 0.15 5.16
CA ILE A 21 8.57 0.02 5.89
C ILE A 21 8.31 -0.77 7.16
N GLY A 22 9.09 -1.83 7.36
CA GLY A 22 8.91 -2.64 8.55
C GLY A 22 8.25 -3.98 8.27
N THR A 23 8.18 -4.77 9.33
CA THR A 23 7.47 -6.03 9.42
C THR A 23 6.57 -5.99 10.65
N PRO A 24 5.26 -5.95 10.51
CA PRO A 24 4.54 -5.86 9.22
C PRO A 24 4.69 -4.45 8.64
N PRO A 25 4.41 -4.28 7.38
CA PRO A 25 4.76 -3.02 6.72
C PRO A 25 3.95 -1.83 7.20
N GLN A 26 4.63 -0.79 7.68
CA GLN A 26 3.96 0.46 7.99
C GLN A 26 3.84 1.27 6.70
N LYS A 27 2.68 1.87 6.44
CA LYS A 27 2.50 2.48 5.13
C LYS A 27 2.94 3.94 5.08
N PHE A 28 3.56 4.30 3.96
CA PHE A 28 3.93 5.67 3.66
C PHE A 28 3.66 6.01 2.20
N THR A 29 3.31 7.27 2.04
CA THR A 29 3.16 7.92 0.74
C THR A 29 4.45 8.70 0.48
N VAL A 30 5.10 8.35 -0.63
CA VAL A 30 6.37 8.98 -0.91
C VAL A 30 6.47 9.43 -2.36
N ILE A 31 7.24 10.48 -2.56
CA ILE A 31 7.67 10.92 -3.87
C ILE A 31 8.81 10.03 -4.33
N PHE A 32 8.70 9.40 -5.49
CA PHE A 32 9.86 8.70 -6.05
C PHE A 32 10.66 9.70 -6.87
N ASP A 33 11.83 10.07 -6.42
CA ASP A 33 12.58 11.26 -6.78
C ASP A 33 13.97 11.02 -7.33
N THR A 34 14.17 11.12 -8.65
CA THR A 34 15.37 10.81 -9.37
C THR A 34 16.36 11.96 -9.21
N GLY A 35 15.92 13.02 -8.54
CA GLY A 35 16.77 14.14 -8.21
C GLY A 35 17.47 14.06 -6.88
N SER A 36 17.30 13.01 -6.07
CA SER A 36 17.95 12.94 -4.77
C SER A 36 18.16 11.48 -4.41
N SER A 37 18.99 11.23 -3.40
CA SER A 37 19.46 9.87 -3.17
C SER A 37 19.14 9.29 -1.81
N VAL A 38 18.37 9.96 -0.98
CA VAL A 38 18.08 9.40 0.35
C VAL A 38 16.62 9.03 0.45
N LEU A 39 16.36 8.02 1.26
CA LEU A 39 15.00 7.64 1.60
C LEU A 39 14.73 8.18 3.00
N TRP A 40 13.68 8.95 3.19
CA TRP A 40 13.34 9.38 4.54
C TRP A 40 11.82 9.37 4.68
N VAL A 41 11.40 9.15 5.90
CA VAL A 41 10.02 9.25 6.35
C VAL A 41 10.00 9.90 7.75
N PRO A 42 8.86 10.42 8.14
CA PRO A 42 8.73 10.96 9.50
C PRO A 42 8.88 9.84 10.52
N SER A 43 9.62 10.18 11.57
CA SER A 43 9.82 9.39 12.77
C SER A 43 8.72 9.59 13.80
N SER A 44 8.42 8.50 14.51
CA SER A 44 7.55 8.56 15.68
C SER A 44 8.17 9.45 16.74
N LYS A 45 9.49 9.59 16.68
CA LYS A 45 10.10 10.49 17.66
C LYS A 45 10.24 11.93 17.21
N CYS A 46 9.33 12.48 16.41
N CYS A 46 9.28 12.45 16.48
CA CYS A 46 9.49 13.83 15.87
CA CYS A 46 9.18 13.87 16.16
C CYS A 46 9.39 14.95 16.90
C CYS A 46 9.60 14.79 17.29
N ILE A 47 10.42 15.77 16.96
CA ILE A 47 10.79 16.77 17.95
C ILE A 47 10.26 18.15 17.57
N ASN A 48 9.20 18.57 18.24
CA ASN A 48 8.49 19.81 18.01
C ASN A 48 8.36 20.12 16.51
N SER A 49 7.76 19.23 15.72
CA SER A 49 7.61 19.47 14.28
C SER A 49 6.18 19.21 13.81
N LYS A 50 5.48 20.26 13.39
CA LYS A 50 4.08 20.07 13.04
C LYS A 50 3.96 19.25 11.77
N ALA A 51 4.97 19.32 10.92
CA ALA A 51 4.86 18.57 9.66
C ALA A 51 4.72 17.08 9.99
N CYS A 52 5.53 16.58 10.93
N CYS A 52 5.53 16.70 10.96
CA CYS A 52 5.41 15.16 11.23
CA CYS A 52 5.76 15.39 11.54
C CYS A 52 4.04 14.79 11.74
C CYS A 52 4.58 14.86 12.34
N ARG A 53 3.56 15.64 12.65
CA ARG A 53 2.36 15.21 13.37
C ARG A 53 1.20 15.04 12.42
N ALA A 54 1.20 15.72 11.28
CA ALA A 54 0.13 15.54 10.31
C ALA A 54 0.48 14.46 9.30
N HIS A 55 1.64 13.82 9.43
CA HIS A 55 1.93 12.80 8.41
C HIS A 55 2.17 11.43 9.03
N SER A 56 2.10 10.38 8.22
CA SER A 56 2.36 9.04 8.73
C SER A 56 3.80 8.92 9.24
N MET A 57 3.94 8.25 10.38
CA MET A 57 5.21 8.16 11.06
C MET A 57 5.70 6.73 11.17
N TYR A 58 7.01 6.57 11.29
CA TYR A 58 7.57 5.24 11.46
C TYR A 58 7.87 4.93 12.92
N GLU A 59 7.39 3.81 13.41
CA GLU A 59 7.64 3.37 14.78
C GLU A 59 8.49 2.11 14.79
N SER A 60 9.78 2.35 15.03
CA SER A 60 10.71 1.23 14.95
C SER A 60 10.34 0.11 15.91
N SER A 61 9.74 0.45 17.05
CA SER A 61 9.53 -0.65 18.00
C SER A 61 8.38 -1.54 17.57
N ASP A 62 7.63 -1.12 16.56
CA ASP A 62 6.54 -1.92 16.02
C ASP A 62 6.98 -2.90 14.94
N SER A 63 8.23 -2.83 14.50
CA SER A 63 8.72 -3.64 13.42
C SER A 63 9.70 -4.70 13.85
N SER A 64 9.44 -5.94 13.48
CA SER A 64 10.31 -7.04 13.92
C SER A 64 11.60 -7.13 13.12
N THR A 65 11.76 -6.42 12.01
CA THR A 65 13.01 -6.50 11.26
C THR A 65 13.84 -5.21 11.30
N TYR A 66 13.39 -4.24 12.07
CA TYR A 66 14.14 -3.04 12.40
C TYR A 66 15.50 -3.41 12.99
N LYS A 67 16.52 -2.70 12.53
CA LYS A 67 17.87 -2.81 13.10
C LYS A 67 18.39 -1.39 13.32
N GLU A 68 18.80 -1.14 14.56
CA GLU A 68 19.20 0.22 14.89
C GLU A 68 20.48 0.59 14.13
N ASN A 69 20.53 1.90 13.87
CA ASN A 69 21.70 2.52 13.29
C ASN A 69 22.03 3.75 14.13
N GLY A 70 21.20 4.78 14.06
CA GLY A 70 21.28 5.93 14.94
C GLY A 70 22.23 7.01 14.50
N THR A 71 22.90 6.79 13.37
CA THR A 71 23.78 7.79 12.80
C THR A 71 23.00 9.03 12.37
N PHE A 72 23.47 10.23 12.71
CA PHE A 72 22.80 11.47 12.37
C PHE A 72 22.70 11.61 10.84
N GLY A 73 21.58 12.13 10.40
CA GLY A 73 21.36 12.32 8.96
C GLY A 73 20.59 13.59 8.74
N ALA A 74 20.87 14.33 7.68
CA ALA A 74 20.10 15.54 7.42
C ALA A 74 20.09 15.78 5.92
N ILE A 75 19.05 16.45 5.48
CA ILE A 75 18.91 16.71 4.06
C ILE A 75 18.37 18.12 3.87
N ILE A 76 19.11 18.89 3.10
CA ILE A 76 18.70 20.24 2.74
C ILE A 76 18.27 20.21 1.27
N TYR A 77 16.96 20.21 1.08
CA TYR A 77 16.38 20.12 -0.25
C TYR A 77 16.49 21.44 -0.98
N GLY A 78 15.86 21.54 -2.16
CA GLY A 78 15.83 22.77 -2.94
C GLY A 78 14.80 23.76 -2.41
N THR A 79 14.60 23.76 -1.11
CA THR A 79 13.64 24.62 -0.42
C THR A 79 13.99 24.74 1.07
N GLY A 80 14.11 23.60 1.73
CA GLY A 80 14.39 23.53 3.15
C GLY A 80 15.08 22.24 3.55
N SER A 81 14.82 21.77 4.78
CA SER A 81 15.53 20.60 5.28
C SER A 81 14.74 19.70 6.22
N ILE A 82 15.17 18.44 6.22
CA ILE A 82 14.77 17.47 7.23
C ILE A 82 16.01 16.96 7.97
N THR A 83 15.82 16.60 9.23
CA THR A 83 16.88 16.08 10.08
C THR A 83 16.38 14.90 10.91
N GLY A 84 17.26 13.96 11.23
CA GLY A 84 16.90 12.79 12.01
C GLY A 84 18.09 11.89 12.23
N PHE A 85 17.85 10.59 12.19
CA PHE A 85 18.88 9.60 12.28
C PHE A 85 18.55 8.42 11.34
N PHE A 86 19.60 7.73 10.92
CA PHE A 86 19.47 6.52 10.17
C PHE A 86 18.95 5.36 11.03
N SER A 87 18.15 4.55 10.35
CA SER A 87 17.63 3.28 10.80
C SER A 87 17.68 2.28 9.63
N GLN A 88 17.57 1.00 9.95
CA GLN A 88 17.52 -0.02 8.91
C GLN A 88 16.27 -0.88 9.05
N ASP A 89 15.61 -1.12 7.91
CA ASP A 89 14.48 -2.05 7.90
C ASP A 89 14.24 -2.56 6.48
N SER A 90 13.22 -3.40 6.36
CA SER A 90 12.83 -3.93 5.07
C SER A 90 11.88 -2.94 4.41
N VAL A 91 12.10 -2.69 3.14
CA VAL A 91 11.22 -1.74 2.46
C VAL A 91 10.41 -2.45 1.40
N THR A 92 9.09 -2.35 1.53
CA THR A 92 8.25 -3.08 0.58
C THR A 92 7.80 -2.15 -0.52
N ILE A 93 8.04 -2.57 -1.74
CA ILE A 93 7.60 -1.74 -2.87
C ILE A 93 6.93 -2.67 -3.88
N GLY A 94 5.62 -2.42 -4.03
CA GLY A 94 4.84 -3.38 -4.81
C GLY A 94 5.01 -4.73 -4.14
N ASP A 95 5.53 -5.71 -4.87
CA ASP A 95 5.71 -7.03 -4.29
C ASP A 95 7.17 -7.35 -4.04
N LEU A 96 8.02 -6.34 -4.27
CA LEU A 96 9.41 -6.54 -3.87
C LEU A 96 9.58 -6.15 -2.40
N VAL A 97 10.43 -6.89 -1.72
CA VAL A 97 10.79 -6.58 -0.35
C VAL A 97 12.29 -6.31 -0.31
N VAL A 98 12.62 -5.04 -0.13
CA VAL A 98 14.03 -4.66 -0.10
C VAL A 98 14.50 -4.79 1.36
N LYS A 99 15.45 -5.71 1.54
CA LYS A 99 15.97 -5.99 2.86
C LYS A 99 17.12 -5.08 3.23
N GLU A 100 17.28 -4.86 4.54
CA GLU A 100 18.46 -4.12 4.99
C GLU A 100 18.56 -2.74 4.35
N GLN A 101 17.41 -2.07 4.20
CA GLN A 101 17.46 -0.74 3.62
C GLN A 101 17.70 0.29 4.70
N ASP A 102 18.72 1.12 4.51
CA ASP A 102 18.91 2.25 5.41
C ASP A 102 18.06 3.43 4.98
N PHE A 103 17.49 4.14 5.95
CA PHE A 103 16.74 5.35 5.65
C PHE A 103 16.79 6.27 6.85
N ILE A 104 16.49 7.54 6.59
CA ILE A 104 16.43 8.47 7.71
C ILE A 104 15.01 8.49 8.27
N GLU A 105 14.90 8.35 9.60
CA GLU A 105 13.58 8.67 10.17
C GLU A 105 13.74 10.08 10.71
N ALA A 106 12.96 11.00 10.16
CA ALA A 106 13.09 12.41 10.42
C ALA A 106 12.41 12.80 11.74
N THR A 107 13.22 13.35 12.63
CA THR A 107 12.71 13.88 13.89
C THR A 107 12.42 15.38 13.82
N ASP A 108 12.92 16.04 12.79
CA ASP A 108 12.55 17.43 12.50
C ASP A 108 12.40 17.61 10.98
N GLU A 109 11.35 18.31 10.59
CA GLU A 109 11.06 18.66 9.21
C GLU A 109 10.64 20.12 9.08
N ALA A 110 11.10 20.75 8.01
CA ALA A 110 10.74 22.13 7.71
C ALA A 110 9.25 22.27 7.42
N ASP A 111 8.48 22.73 8.39
CA ASP A 111 7.04 22.88 8.28
C ASP A 111 6.66 23.66 7.03
N ASN A 112 7.34 24.77 6.80
CA ASN A 112 7.04 25.60 5.64
C ASN A 112 7.08 24.77 4.35
N VAL A 113 7.94 23.75 4.32
CA VAL A 113 8.04 23.01 3.05
C VAL A 113 7.26 21.72 3.10
N PHE A 114 7.27 21.06 4.25
CA PHE A 114 6.64 19.74 4.23
C PHE A 114 5.28 19.68 4.89
N LEU A 115 4.94 20.73 5.66
CA LEU A 115 3.75 20.60 6.49
C LEU A 115 2.50 20.42 5.64
N HIS A 116 2.26 21.24 4.63
CA HIS A 116 0.96 21.01 3.98
C HIS A 116 1.10 20.40 2.59
N ARG A 117 1.71 19.21 2.53
CA ARG A 117 1.81 18.44 1.30
C ARG A 117 1.18 17.07 1.52
N LEU A 118 0.79 16.39 0.45
CA LEU A 118 0.09 15.12 0.57
C LEU A 118 0.99 13.91 0.75
N PHE A 119 2.30 14.06 0.59
CA PHE A 119 3.20 12.93 0.79
C PHE A 119 3.82 13.00 2.18
N ASP A 120 4.26 11.84 2.63
CA ASP A 120 4.91 11.68 3.92
C ASP A 120 6.42 11.87 3.87
N GLY A 121 7.03 11.32 2.83
CA GLY A 121 8.49 11.39 2.73
C GLY A 121 8.95 11.25 1.29
N ILE A 122 10.24 10.99 1.13
CA ILE A 122 10.80 10.96 -0.22
C ILE A 122 11.70 9.74 -0.40
N LEU A 123 11.55 9.08 -1.55
CA LEU A 123 12.39 7.93 -1.88
C LEU A 123 13.30 8.35 -3.03
N GLY A 124 14.57 8.54 -2.74
CA GLY A 124 15.52 9.04 -3.70
C GLY A 124 15.96 7.94 -4.66
N LEU A 125 16.08 8.34 -5.94
CA LEU A 125 16.46 7.38 -6.96
C LEU A 125 17.71 7.81 -7.71
N SER A 126 18.36 8.88 -7.26
CA SER A 126 19.61 9.31 -7.85
C SER A 126 20.78 8.49 -7.30
N PHE A 127 22.00 8.84 -7.69
CA PHE A 127 23.17 8.03 -7.37
C PHE A 127 23.61 8.17 -5.92
N GLN A 128 24.26 7.14 -5.42
CA GLN A 128 24.57 7.06 -3.99
C GLN A 128 25.40 8.22 -3.49
N THR A 129 25.03 8.77 -2.35
CA THR A 129 25.85 9.73 -1.62
C THR A 129 26.30 9.11 -0.31
N ILE A 130 25.63 9.13 0.81
CA ILE A 130 25.99 8.71 2.14
C ILE A 130 25.41 7.37 2.51
N SER A 131 24.45 6.88 1.74
CA SER A 131 23.80 5.62 2.13
C SER A 131 23.39 4.86 0.88
N VAL A 132 23.31 3.53 0.97
CA VAL A 132 23.00 2.76 -0.24
C VAL A 132 21.54 2.95 -0.59
N PRO A 133 21.21 3.54 -1.73
CA PRO A 133 19.80 3.74 -2.09
C PRO A 133 19.03 2.46 -2.36
N VAL A 134 17.71 2.57 -2.27
CA VAL A 134 16.77 1.48 -2.45
C VAL A 134 17.04 0.73 -3.75
N TRP A 135 17.24 1.50 -4.81
CA TRP A 135 17.43 0.91 -6.13
C TRP A 135 18.69 0.02 -6.16
N TYR A 136 19.78 0.47 -5.58
CA TYR A 136 21.02 -0.31 -5.54
C TYR A 136 20.82 -1.59 -4.72
N ASN A 137 20.09 -1.50 -3.62
CA ASN A 137 19.81 -2.71 -2.83
C ASN A 137 18.93 -3.67 -3.64
N MET A 138 17.97 -3.12 -4.39
CA MET A 138 17.16 -3.95 -5.27
C MET A 138 18.03 -4.79 -6.20
N LEU A 139 18.94 -4.09 -6.85
CA LEU A 139 19.82 -4.74 -7.80
C LEU A 139 20.69 -5.77 -7.08
N ASN A 140 21.31 -5.32 -6.00
CA ASN A 140 22.17 -6.16 -5.19
C ASN A 140 21.46 -7.44 -4.77
N GLN A 141 20.18 -7.36 -4.46
CA GLN A 141 19.46 -8.52 -3.97
C GLN A 141 18.83 -9.35 -5.08
N GLY A 142 19.05 -9.01 -6.34
CA GLY A 142 18.50 -9.71 -7.47
C GLY A 142 17.01 -9.57 -7.61
N LEU A 143 16.43 -8.47 -7.11
CA LEU A 143 14.97 -8.37 -7.12
C LEU A 143 14.42 -7.92 -8.46
N VAL A 144 15.28 -7.40 -9.32
CA VAL A 144 14.83 -6.96 -10.63
C VAL A 144 15.61 -7.67 -11.74
N LYS A 145 14.93 -7.87 -12.85
CA LYS A 145 15.47 -8.49 -14.05
C LYS A 145 16.35 -7.52 -14.82
N GLU A 146 15.73 -6.41 -15.22
CA GLU A 146 16.54 -5.44 -15.92
C GLU A 146 17.06 -4.40 -14.93
N ARG A 147 18.25 -3.89 -15.15
CA ARG A 147 18.85 -2.84 -14.35
C ARG A 147 18.35 -1.49 -14.86
N ARG A 148 17.03 -1.36 -14.95
CA ARG A 148 16.41 -0.13 -15.43
C ARG A 148 15.11 0.12 -14.70
N PHE A 149 14.72 1.39 -14.59
CA PHE A 149 13.41 1.74 -14.07
C PHE A 149 12.86 2.88 -14.93
N SER A 150 11.55 3.03 -14.95
CA SER A 150 10.97 3.99 -15.90
C SER A 150 9.74 4.65 -15.33
N PHE A 151 9.46 5.88 -15.79
CA PHE A 151 8.33 6.63 -15.33
C PHE A 151 7.42 7.02 -16.50
N TRP A 152 6.13 6.78 -16.32
CA TRP A 152 5.05 7.40 -17.05
C TRP A 152 4.35 8.40 -16.10
N LEU A 153 4.37 9.66 -16.50
CA LEU A 153 3.68 10.68 -15.75
C LEU A 153 2.52 11.20 -16.59
N ASN A 154 1.30 11.05 -16.05
CA ASN A 154 0.14 11.56 -16.77
C ASN A 154 -0.20 12.99 -16.40
N ARG A 155 -0.92 13.62 -17.33
CA ARG A 155 -1.61 14.86 -17.02
C ARG A 155 -2.65 14.65 -15.92
N ASN A 156 -3.02 15.73 -15.27
CA ASN A 156 -3.96 15.84 -14.14
C ASN A 156 -5.36 15.88 -14.73
N VAL A 157 -6.06 14.78 -14.68
CA VAL A 157 -7.38 14.43 -15.20
C VAL A 157 -8.10 13.57 -14.18
N ASP A 158 -9.40 13.32 -14.29
CA ASP A 158 -10.21 12.67 -13.28
C ASP A 158 -10.50 11.20 -13.52
N GLU A 159 -10.60 10.71 -14.77
CA GLU A 159 -10.96 9.30 -14.88
C GLU A 159 -9.70 8.44 -14.97
N GLU A 160 -8.57 9.13 -15.12
CA GLU A 160 -7.33 8.45 -15.45
C GLU A 160 -6.35 8.32 -14.28
N GLU A 161 -5.42 7.39 -14.48
CA GLU A 161 -4.35 7.21 -13.51
C GLU A 161 -3.49 8.46 -13.44
N GLY A 162 -2.81 8.70 -12.32
CA GLY A 162 -1.87 9.79 -12.30
C GLY A 162 -0.53 9.45 -12.94
N GLY A 163 -0.20 8.16 -13.01
CA GLY A 163 1.12 7.81 -13.51
C GLY A 163 1.52 6.41 -13.07
N GLU A 164 2.66 5.94 -13.57
CA GLU A 164 3.12 4.61 -13.24
C GLU A 164 4.65 4.53 -13.30
N LEU A 165 5.24 4.04 -12.23
CA LEU A 165 6.67 3.78 -12.13
C LEU A 165 6.89 2.29 -12.21
N VAL A 166 7.80 1.87 -13.06
CA VAL A 166 8.14 0.46 -13.22
C VAL A 166 9.60 0.24 -12.85
N PHE A 167 9.82 -0.62 -11.88
CA PHE A 167 11.16 -1.05 -11.49
C PHE A 167 11.46 -2.34 -12.25
N GLY A 168 12.58 -2.35 -12.95
CA GLY A 168 13.04 -3.57 -13.59
C GLY A 168 12.42 -3.73 -14.97
N GLY A 169 12.01 -2.67 -15.64
CA GLY A 169 11.46 -2.72 -16.97
C GLY A 169 10.72 -1.48 -17.43
N LEU A 170 9.94 -1.63 -18.50
N LEU A 170 9.98 -1.67 -18.52
CA LEU A 170 9.15 -0.49 -18.97
CA LEU A 170 9.22 -0.68 -19.25
C LEU A 170 7.89 -0.97 -19.67
C LEU A 170 7.77 -1.10 -19.41
N ASP A 171 6.88 -0.13 -19.60
CA ASP A 171 5.53 -0.41 -20.03
C ASP A 171 5.32 0.12 -21.44
N PRO A 172 5.30 -0.72 -22.46
CA PRO A 172 5.18 -0.23 -23.85
C PRO A 172 3.86 0.46 -24.12
N ASN A 173 2.88 0.22 -23.24
CA ASN A 173 1.63 0.92 -23.42
C ASN A 173 1.76 2.40 -23.12
N HIS A 174 2.85 2.82 -22.48
CA HIS A 174 2.95 4.24 -22.17
C HIS A 174 3.98 5.03 -22.94
N PHE A 175 4.42 4.52 -24.08
CA PHE A 175 5.23 5.33 -24.99
C PHE A 175 5.01 4.88 -26.45
N ARG A 176 5.42 5.80 -27.31
CA ARG A 176 5.41 5.53 -28.73
C ARG A 176 6.80 5.75 -29.28
N GLY A 177 7.13 4.97 -30.31
CA GLY A 177 8.46 5.18 -30.90
C GLY A 177 9.54 4.55 -30.03
N ASP A 178 10.80 4.65 -30.46
CA ASP A 178 11.93 4.21 -29.67
C ASP A 178 12.33 5.33 -28.71
N HIS A 179 12.88 4.97 -27.56
CA HIS A 179 13.56 5.95 -26.72
C HIS A 179 14.89 6.36 -27.36
N THR A 180 15.16 7.65 -27.27
CA THR A 180 16.47 8.21 -27.57
C THR A 180 17.30 8.13 -26.28
N TYR A 181 18.39 7.37 -26.30
CA TYR A 181 19.22 7.19 -25.11
C TYR A 181 20.49 8.02 -25.16
N VAL A 182 20.79 8.67 -24.04
CA VAL A 182 22.01 9.47 -23.96
C VAL A 182 22.75 9.08 -22.69
N PRO A 183 24.08 9.14 -22.77
CA PRO A 183 24.90 8.75 -21.62
C PRO A 183 24.93 9.79 -20.51
N VAL A 184 24.90 9.31 -19.27
CA VAL A 184 25.08 10.14 -18.08
C VAL A 184 26.49 10.74 -18.07
N THR A 185 26.58 12.05 -17.89
CA THR A 185 27.85 12.76 -18.01
C THR A 185 28.52 13.06 -16.69
N TYR A 186 27.72 13.13 -15.65
CA TYR A 186 28.17 13.35 -14.29
C TYR A 186 27.24 12.55 -13.39
N GLN A 187 27.83 11.57 -12.73
CA GLN A 187 27.05 10.64 -11.93
C GLN A 187 26.79 11.17 -10.53
N TYR A 188 25.70 11.91 -10.42
CA TYR A 188 25.22 12.48 -9.15
C TYR A 188 23.69 12.51 -9.27
N TYR A 189 23.25 13.35 -10.21
CA TYR A 189 21.89 13.31 -10.69
C TYR A 189 21.91 12.39 -11.91
N TRP A 190 20.75 12.15 -12.50
CA TRP A 190 20.74 11.45 -13.78
C TRP A 190 20.86 12.52 -14.86
N GLN A 191 22.11 12.91 -15.05
CA GLN A 191 22.53 14.05 -15.86
C GLN A 191 23.20 13.61 -17.14
N PHE A 192 22.92 14.40 -18.17
CA PHE A 192 23.33 14.15 -19.53
C PHE A 192 23.55 15.47 -20.25
N GLY A 193 24.21 15.45 -21.38
CA GLY A 193 24.43 16.65 -22.18
C GLY A 193 23.21 17.02 -22.99
N ILE A 194 23.00 18.30 -23.23
CA ILE A 194 21.95 18.72 -24.16
C ILE A 194 22.49 19.76 -25.14
N GLY A 195 21.76 20.02 -26.20
CA GLY A 195 22.12 21.03 -27.17
C GLY A 195 21.30 22.30 -27.07
N ASP A 196 21.14 22.90 -28.25
CA ASP A 196 20.48 24.19 -28.32
C ASP A 196 19.04 24.09 -27.85
N VAL A 197 18.60 25.20 -27.26
CA VAL A 197 17.19 25.30 -26.89
C VAL A 197 16.50 26.32 -27.81
N LEU A 198 15.43 25.89 -28.45
CA LEU A 198 14.77 26.69 -29.48
C LEU A 198 13.37 27.14 -29.11
N ILE A 199 13.07 28.37 -29.53
CA ILE A 199 11.73 28.91 -29.44
C ILE A 199 11.18 28.88 -30.85
N GLY A 200 10.24 27.96 -31.11
CA GLY A 200 9.90 27.71 -32.51
C GLY A 200 11.16 27.25 -33.22
N ASP A 201 11.58 27.98 -34.25
CA ASP A 201 12.82 27.61 -34.92
C ASP A 201 13.95 28.57 -34.56
N LYS A 202 13.65 29.45 -33.62
CA LYS A 202 14.67 30.42 -33.21
C LYS A 202 15.56 29.85 -32.11
N SER A 203 16.86 29.91 -32.37
CA SER A 203 17.87 29.53 -31.41
C SER A 203 17.95 30.53 -30.26
N THR A 204 18.02 30.01 -29.03
CA THR A 204 18.23 30.88 -27.88
C THR A 204 19.72 31.13 -27.58
N GLY A 205 20.57 30.52 -28.38
CA GLY A 205 21.99 30.65 -28.51
C GLY A 205 22.86 30.17 -27.37
N PHE A 206 22.47 30.46 -26.14
CA PHE A 206 23.30 30.27 -24.95
C PHE A 206 23.71 28.82 -24.79
N CYS A 207 22.85 27.85 -25.09
CA CYS A 207 23.18 26.44 -24.90
C CYS A 207 23.56 25.74 -26.20
N ALA A 208 23.66 26.52 -27.26
CA ALA A 208 24.15 26.07 -28.54
C ALA A 208 25.51 25.38 -28.43
N PRO A 209 26.48 25.89 -27.69
CA PRO A 209 27.73 25.12 -27.58
C PRO A 209 27.59 23.90 -26.68
N GLY A 210 26.44 23.70 -26.04
CA GLY A 210 26.27 22.49 -25.23
C GLY A 210 26.04 22.80 -23.76
N CYS A 211 24.98 22.23 -23.20
CA CYS A 211 24.67 22.43 -21.78
C CYS A 211 24.44 21.06 -21.15
N GLN A 212 24.03 21.04 -19.89
CA GLN A 212 23.74 19.86 -19.13
C GLN A 212 22.30 19.88 -18.63
N ALA A 213 21.77 18.69 -18.38
CA ALA A 213 20.44 18.60 -17.82
C ALA A 213 20.30 17.31 -17.02
N PHE A 214 19.39 17.32 -16.06
CA PHE A 214 19.03 16.06 -15.44
C PHE A 214 17.51 15.96 -15.37
N ALA A 215 17.06 14.71 -15.44
CA ALA A 215 15.64 14.38 -15.36
C ALA A 215 15.25 14.18 -13.90
N ASP A 216 14.29 14.97 -13.41
CA ASP A 216 13.97 15.07 -11.99
C ASP A 216 12.49 14.88 -11.75
N SER A 217 12.09 13.64 -11.44
CA SER A 217 10.65 13.42 -11.31
C SER A 217 10.11 14.07 -10.04
N GLY A 218 11.04 14.47 -9.15
CA GLY A 218 10.61 15.09 -7.92
C GLY A 218 10.52 16.59 -7.95
N THR A 219 10.61 17.21 -9.11
CA THR A 219 10.58 18.63 -9.38
C THR A 219 9.38 18.89 -10.31
N SER A 220 8.67 19.97 -10.08
CA SER A 220 7.46 20.32 -10.82
C SER A 220 7.71 20.88 -12.20
N LEU A 221 8.58 21.89 -12.27
CA LEU A 221 8.74 22.68 -13.48
C LEU A 221 10.08 22.41 -14.14
N LEU A 222 10.40 23.18 -15.14
CA LEU A 222 11.68 23.18 -15.82
C LEU A 222 12.52 24.35 -15.30
N SER A 223 13.73 24.08 -14.88
CA SER A 223 14.59 25.16 -14.41
C SER A 223 15.80 25.27 -15.31
N GLY A 224 16.20 26.49 -15.66
CA GLY A 224 17.36 26.57 -16.52
C GLY A 224 17.99 27.96 -16.47
N PRO A 225 19.08 28.10 -17.20
CA PRO A 225 19.86 29.35 -17.26
C PRO A 225 18.99 30.56 -17.56
N THR A 226 19.11 31.56 -16.70
CA THR A 226 18.32 32.77 -16.86
C THR A 226 18.42 33.34 -18.26
N ALA A 227 19.63 33.21 -18.81
CA ALA A 227 19.89 33.81 -20.12
C ALA A 227 19.01 33.23 -21.21
N ILE A 228 18.56 31.99 -21.00
CA ILE A 228 17.63 31.39 -21.96
C ILE A 228 16.19 31.54 -21.47
N VAL A 229 15.93 31.24 -20.20
CA VAL A 229 14.57 31.31 -19.71
C VAL A 229 13.98 32.70 -19.85
N THR A 230 14.82 33.73 -19.74
CA THR A 230 14.25 35.09 -19.87
C THR A 230 13.63 35.25 -21.26
N GLN A 231 14.28 34.70 -22.26
CA GLN A 231 13.84 34.78 -23.65
C GLN A 231 12.55 34.02 -23.88
N ILE A 232 12.47 32.83 -23.26
CA ILE A 232 11.26 32.04 -23.43
C ILE A 232 10.04 32.69 -22.82
N ASN A 233 10.22 33.20 -21.61
CA ASN A 233 9.09 33.81 -20.89
C ASN A 233 8.65 35.10 -21.54
N HIS A 234 9.59 35.79 -22.16
CA HIS A 234 9.30 37.00 -22.92
C HIS A 234 8.44 36.62 -24.12
N ALA A 235 8.87 35.58 -24.84
CA ALA A 235 8.22 35.07 -26.03
C ALA A 235 6.80 34.62 -25.74
N ILE A 236 6.56 34.06 -24.58
CA ILE A 236 5.20 33.58 -24.30
C ILE A 236 4.36 34.61 -23.56
N GLY A 237 4.98 35.74 -23.27
CA GLY A 237 4.40 36.82 -22.52
C GLY A 237 4.19 36.59 -21.06
N ALA A 238 4.98 35.74 -20.41
CA ALA A 238 4.74 35.54 -18.97
C ALA A 238 5.23 36.80 -18.24
N ASN A 239 4.74 36.96 -17.02
CA ASN A 239 4.97 38.15 -16.20
C ASN A 239 4.02 38.21 -15.01
N GLU B 1 9.60 32.01 -11.59
CA GLU B 1 9.03 32.08 -10.25
C GLU B 1 7.56 32.50 -10.29
N GLU B 2 6.66 31.53 -10.47
CA GLU B 2 5.23 31.84 -10.53
C GLU B 2 4.94 32.98 -11.49
N LEU B 3 5.56 32.96 -12.68
CA LEU B 3 5.07 33.86 -13.73
C LEU B 3 3.76 33.33 -14.28
N GLN B 4 2.78 34.20 -14.50
CA GLN B 4 1.54 33.66 -15.08
C GLN B 4 1.37 34.18 -16.49
N VAL B 5 0.56 33.47 -17.24
CA VAL B 5 0.26 33.92 -18.59
C VAL B 5 -1.26 34.00 -18.73
N ASP B 6 -1.67 34.69 -19.79
CA ASP B 6 -3.09 34.73 -20.13
C ASP B 6 -3.52 33.41 -20.73
N CYS B 7 -4.46 32.73 -20.08
CA CYS B 7 -4.81 31.39 -20.49
C CYS B 7 -5.38 31.33 -21.90
N ASN B 8 -5.85 32.48 -22.37
CA ASN B 8 -6.47 32.65 -23.67
C ASN B 8 -5.45 32.58 -24.81
N THR B 9 -4.18 32.79 -24.49
CA THR B 9 -3.19 32.94 -25.55
C THR B 9 -2.33 31.71 -25.76
N LEU B 10 -2.71 30.55 -25.23
CA LEU B 10 -1.85 29.37 -25.47
C LEU B 10 -1.86 29.01 -26.93
N SER B 11 -2.98 29.27 -27.63
CA SER B 11 -2.97 28.88 -29.04
C SER B 11 -2.11 29.80 -29.85
N SER B 12 -1.55 30.89 -29.35
CA SER B 12 -0.61 31.60 -30.21
C SER B 12 0.79 31.56 -29.62
N MET B 13 1.02 30.68 -28.65
CA MET B 13 2.38 30.50 -28.14
C MET B 13 3.16 29.48 -28.95
N PRO B 14 4.48 29.67 -28.99
CA PRO B 14 5.35 28.78 -29.74
C PRO B 14 5.66 27.48 -28.99
N ASN B 15 6.07 26.49 -29.76
CA ASN B 15 6.67 25.29 -29.20
C ASN B 15 8.09 25.64 -28.72
N VAL B 16 8.52 25.01 -27.65
CA VAL B 16 9.89 25.17 -27.18
C VAL B 16 10.55 23.79 -27.23
N SER B 17 11.70 23.74 -27.89
CA SER B 17 12.40 22.48 -28.06
C SER B 17 13.77 22.39 -27.40
N PHE B 18 14.03 21.23 -26.82
CA PHE B 18 15.32 20.84 -26.30
C PHE B 18 16.00 19.84 -27.23
N THR B 19 17.24 20.09 -27.58
CA THR B 19 18.00 19.12 -28.34
C THR B 19 18.74 18.13 -27.45
N ILE B 20 18.41 16.87 -27.58
CA ILE B 20 18.95 15.78 -26.79
C ILE B 20 19.33 14.61 -27.68
N GLY B 21 20.59 14.17 -27.55
CA GLY B 21 21.03 13.11 -28.44
C GLY B 21 20.89 13.57 -29.89
N GLY B 22 21.02 14.87 -30.17
CA GLY B 22 20.90 15.38 -31.53
C GLY B 22 19.50 15.50 -32.04
N LYS B 23 18.52 15.06 -31.25
CA LYS B 23 17.14 15.04 -31.66
C LYS B 23 16.35 16.15 -31.00
N LYS B 24 15.39 16.78 -31.66
CA LYS B 24 14.62 17.83 -30.99
C LYS B 24 13.49 17.20 -30.18
N PHE B 25 13.41 17.60 -28.93
CA PHE B 25 12.29 17.22 -28.07
C PHE B 25 11.44 18.46 -27.79
N GLY B 26 10.31 18.58 -28.48
CA GLY B 26 9.48 19.77 -28.35
C GLY B 26 8.49 19.65 -27.23
N LEU B 27 8.13 20.83 -26.72
CA LEU B 27 7.01 20.99 -25.79
C LEU B 27 5.99 21.97 -26.36
N THR B 28 4.72 21.60 -26.39
CA THR B 28 3.69 22.54 -26.81
C THR B 28 3.27 23.42 -25.64
N PRO B 29 2.66 24.58 -25.90
CA PRO B 29 2.13 25.40 -24.80
C PRO B 29 1.28 24.61 -23.81
N GLU B 30 0.45 23.72 -24.28
CA GLU B 30 -0.44 22.95 -23.41
C GLU B 30 0.36 22.08 -22.45
N GLN B 31 1.56 21.68 -22.81
CA GLN B 31 2.49 20.90 -22.00
C GLN B 31 3.33 21.78 -21.09
N TYR B 32 3.80 22.95 -21.54
CA TYR B 32 4.76 23.68 -20.72
C TYR B 32 4.08 24.74 -19.84
N ILE B 33 2.78 24.91 -19.99
CA ILE B 33 2.03 25.81 -19.11
C ILE B 33 1.31 24.98 -18.06
N LEU B 34 1.55 25.30 -16.80
CA LEU B 34 0.85 24.64 -15.70
C LEU B 34 -0.49 25.34 -15.44
N LYS B 35 -1.54 24.53 -15.47
CA LYS B 35 -2.88 25.03 -15.11
C LYS B 35 -3.11 24.81 -13.62
N VAL B 36 -3.58 25.84 -12.94
CA VAL B 36 -3.89 25.85 -11.52
C VAL B 36 -5.32 26.34 -11.31
N GLY B 37 -6.08 25.67 -10.46
CA GLY B 37 -7.48 26.07 -10.33
C GLY B 37 -8.29 25.42 -11.43
N LYS B 38 -9.59 25.70 -11.48
CA LYS B 38 -10.44 24.97 -12.42
C LYS B 38 -11.27 25.89 -13.30
N GLY B 39 -11.76 25.27 -14.36
CA GLY B 39 -12.69 25.79 -15.32
C GLY B 39 -12.60 27.28 -15.56
N GLU B 40 -13.07 28.09 -14.62
CA GLU B 40 -13.14 29.52 -14.94
C GLU B 40 -12.18 30.33 -14.10
N ALA B 41 -11.82 29.83 -12.92
CA ALA B 41 -10.88 30.53 -12.05
C ALA B 41 -9.44 30.17 -12.38
N THR B 42 -9.28 29.31 -13.37
CA THR B 42 -7.98 28.75 -13.72
C THR B 42 -6.90 29.80 -13.87
N GLN B 43 -5.73 29.53 -13.27
CA GLN B 43 -4.58 30.36 -13.58
C GLN B 43 -3.56 29.54 -14.38
N CYS B 44 -2.94 30.23 -15.32
CA CYS B 44 -1.95 29.60 -16.18
C CYS B 44 -0.57 30.14 -15.76
N ILE B 45 0.29 29.19 -15.41
CA ILE B 45 1.63 29.47 -14.92
C ILE B 45 2.70 28.95 -15.87
N SER B 46 3.71 29.75 -16.13
CA SER B 46 4.84 29.36 -16.97
C SER B 46 5.58 28.20 -16.32
N GLY B 47 5.88 27.16 -17.10
CA GLY B 47 6.61 26.02 -16.57
C GLY B 47 8.11 26.21 -16.64
N PHE B 48 8.54 27.37 -17.12
CA PHE B 48 9.96 27.64 -17.21
C PHE B 48 10.39 28.60 -16.09
N THR B 49 11.32 28.15 -15.25
CA THR B 49 11.83 29.00 -14.17
C THR B 49 13.35 29.10 -14.31
N ALA B 50 13.84 30.24 -13.83
CA ALA B 50 15.23 30.59 -14.04
C ALA B 50 16.04 30.16 -12.82
N MET B 51 17.20 29.59 -13.12
CA MET B 51 18.06 29.01 -12.09
C MET B 51 19.43 28.89 -12.75
N ASP B 52 20.41 29.47 -12.07
CA ASP B 52 21.75 29.47 -12.65
C ASP B 52 22.62 28.56 -11.79
N ALA B 53 22.97 27.42 -12.36
CA ALA B 53 23.83 26.46 -11.68
C ALA B 53 24.73 25.83 -12.75
N THR B 54 25.94 25.50 -12.34
CA THR B 54 26.90 24.90 -13.27
C THR B 54 27.42 23.58 -12.69
N LEU B 55 27.38 22.52 -13.49
CA LEU B 55 28.02 21.25 -13.16
C LEU B 55 28.41 20.66 -14.52
N LEU B 56 29.66 20.87 -14.88
CA LEU B 56 30.23 20.58 -16.17
C LEU B 56 29.86 21.66 -17.19
N GLY B 57 28.67 22.21 -17.05
CA GLY B 57 28.14 23.29 -17.83
C GLY B 57 26.86 23.85 -17.21
N PRO B 58 26.30 24.83 -17.89
CA PRO B 58 25.03 25.41 -17.40
C PRO B 58 24.00 24.29 -17.29
N LEU B 59 23.34 24.26 -16.17
CA LEU B 59 22.47 23.13 -15.82
C LEU B 59 20.98 23.46 -15.91
N TRP B 60 20.25 22.56 -16.55
CA TRP B 60 18.81 22.52 -16.60
C TRP B 60 18.26 21.38 -15.74
N ILE B 61 17.15 21.62 -15.07
CA ILE B 61 16.39 20.60 -14.38
C ILE B 61 15.11 20.35 -15.18
N LEU B 62 14.97 19.15 -15.71
CA LEU B 62 13.83 18.69 -16.48
C LEU B 62 12.93 17.89 -15.55
N GLY B 63 11.99 18.62 -14.96
CA GLY B 63 11.03 18.14 -14.01
C GLY B 63 9.77 17.62 -14.66
N ASP B 64 8.68 17.61 -13.91
CA ASP B 64 7.48 16.94 -14.36
C ASP B 64 6.94 17.53 -15.65
N VAL B 65 7.19 18.82 -15.87
CA VAL B 65 6.71 19.44 -17.11
C VAL B 65 7.21 18.67 -18.34
N PHE B 66 8.46 18.22 -18.29
CA PHE B 66 9.09 17.50 -19.38
C PHE B 66 8.78 16.00 -19.33
N MET B 67 8.77 15.44 -18.13
CA MET B 67 8.57 14.02 -17.92
C MET B 67 7.13 13.55 -18.11
N ARG B 68 6.21 14.48 -18.26
CA ARG B 68 4.85 14.14 -18.66
C ARG B 68 4.81 13.83 -20.16
N PRO B 69 5.13 14.70 -21.09
CA PRO B 69 5.03 14.34 -22.52
C PRO B 69 6.11 13.37 -22.99
N TYR B 70 7.16 13.21 -22.21
CA TYR B 70 8.20 12.23 -22.54
C TYR B 70 8.32 11.16 -21.48
N HIS B 71 8.00 9.91 -21.85
CA HIS B 71 8.25 8.76 -21.01
C HIS B 71 9.75 8.59 -20.82
N THR B 72 10.21 8.36 -19.61
CA THR B 72 11.62 8.35 -19.28
C THR B 72 12.09 7.01 -18.72
N VAL B 73 13.21 6.56 -19.29
CA VAL B 73 13.88 5.36 -18.84
C VAL B 73 15.20 5.70 -18.16
N PHE B 74 15.37 5.19 -16.96
CA PHE B 74 16.63 5.34 -16.24
C PHE B 74 17.35 3.98 -16.30
N ASP B 75 18.38 3.95 -17.13
CA ASP B 75 19.13 2.72 -17.39
C ASP B 75 20.39 2.70 -16.52
N TYR B 76 20.26 2.05 -15.37
CA TYR B 76 21.42 1.98 -14.47
C TYR B 76 22.53 1.06 -15.01
N GLY B 77 22.16 -0.08 -15.57
CA GLY B 77 23.13 -1.02 -16.07
C GLY B 77 24.06 -0.43 -17.10
N ASN B 78 23.59 0.48 -17.95
CA ASN B 78 24.40 1.12 -18.96
C ASN B 78 24.69 2.60 -18.71
N LEU B 79 24.13 3.12 -17.63
CA LEU B 79 24.25 4.54 -17.30
C LEU B 79 23.77 5.44 -18.46
N LEU B 80 22.52 5.25 -18.85
CA LEU B 80 21.86 6.00 -19.90
C LEU B 80 20.53 6.57 -19.40
N VAL B 81 20.11 7.67 -19.99
CA VAL B 81 18.75 8.19 -19.82
C VAL B 81 18.08 8.17 -21.21
N GLY B 82 16.86 7.67 -21.30
CA GLY B 82 16.13 7.59 -22.54
C GLY B 82 14.79 8.29 -22.47
N PHE B 83 14.44 8.94 -23.57
CA PHE B 83 13.15 9.60 -23.70
C PHE B 83 12.42 9.15 -24.97
N ALA B 84 11.12 8.92 -24.83
CA ALA B 84 10.20 8.69 -25.93
C ALA B 84 8.89 9.41 -25.69
N GLU B 85 8.19 9.73 -26.77
CA GLU B 85 6.85 10.29 -26.66
C GLU B 85 5.97 9.44 -25.75
N ALA B 86 5.39 10.07 -24.73
CA ALA B 86 4.50 9.37 -23.84
C ALA B 86 3.16 9.06 -24.52
N ALA B 87 2.55 7.98 -24.06
CA ALA B 87 1.21 7.58 -24.48
C ALA B 87 0.41 7.08 -23.29
N SER C 2 -9.86 -17.28 -9.66
CA SER C 2 -10.29 -16.16 -10.49
C SER C 2 -9.65 -14.91 -9.92
N ALA C 3 -9.28 -15.00 -8.64
CA ALA C 3 -8.52 -13.92 -8.06
C ALA C 3 -7.76 -14.41 -6.82
N VAL C 4 -6.50 -14.07 -6.74
CA VAL C 4 -5.61 -14.33 -5.61
C VAL C 4 -5.27 -13.01 -4.94
N VAL C 5 -5.39 -13.00 -3.62
CA VAL C 5 -4.98 -11.87 -2.82
C VAL C 5 -3.91 -12.30 -1.82
N ALA C 6 -2.75 -11.69 -1.93
CA ALA C 6 -1.68 -11.94 -0.97
C ALA C 6 -2.02 -11.22 0.33
N LEU C 7 -1.84 -11.94 1.43
CA LEU C 7 -2.12 -11.42 2.75
C LEU C 7 -0.81 -11.22 3.53
N THR C 8 -0.84 -10.15 4.30
CA THR C 8 0.14 -9.80 5.31
C THR C 8 -0.33 -10.34 6.64
N ASN C 9 0.62 -10.94 7.35
CA ASN C 9 0.36 -11.44 8.70
C ASN C 9 0.88 -10.40 9.68
N ASP C 10 -0.04 -9.81 10.42
CA ASP C 10 0.35 -8.91 11.52
C ASP C 10 0.40 -9.65 12.85
N ARG C 11 1.59 -10.09 13.23
CA ARG C 11 1.85 -10.65 14.54
C ARG C 11 0.93 -11.82 14.88
N ASP C 12 0.47 -12.55 13.88
CA ASP C 12 -0.38 -13.71 14.04
C ASP C 12 -1.76 -13.34 14.57
N THR C 13 -2.05 -12.04 14.66
CA THR C 13 -3.31 -11.62 15.26
C THR C 13 -4.29 -10.96 14.29
N SER C 14 -3.81 -10.50 13.14
CA SER C 14 -4.69 -10.07 12.06
C SER C 14 -4.01 -10.34 10.71
N TYR C 15 -4.83 -10.47 9.68
CA TYR C 15 -4.40 -10.75 8.33
C TYR C 15 -5.15 -9.81 7.39
N PHE C 16 -4.39 -9.20 6.47
CA PHE C 16 -5.03 -8.26 5.55
C PHE C 16 -4.29 -8.26 4.22
N GLY C 17 -4.99 -7.67 3.26
CA GLY C 17 -4.55 -7.56 1.89
C GLY C 17 -5.10 -6.27 1.28
N GLU C 18 -4.74 -6.11 0.01
CA GLU C 18 -5.06 -4.88 -0.70
C GLU C 18 -6.31 -4.99 -1.55
N ILE C 19 -7.06 -3.88 -1.58
CA ILE C 19 -8.12 -3.76 -2.58
C ILE C 19 -8.03 -2.36 -3.20
N GLY C 20 -8.71 -2.19 -4.32
CA GLY C 20 -8.83 -0.84 -4.85
C GLY C 20 -10.29 -0.44 -4.93
N ILE C 21 -10.55 0.82 -4.59
CA ILE C 21 -11.91 1.34 -4.77
C ILE C 21 -11.85 2.56 -5.71
N GLY C 22 -12.66 2.49 -6.74
CA GLY C 22 -12.84 3.59 -7.66
C GLY C 22 -12.14 3.45 -8.99
N THR C 23 -12.23 4.51 -9.78
CA THR C 23 -11.59 4.60 -11.09
C THR C 23 -10.92 5.96 -11.20
N PRO C 24 -9.59 6.05 -11.17
CA PRO C 24 -8.67 4.91 -11.05
C PRO C 24 -8.65 4.36 -9.63
N PRO C 25 -8.24 3.11 -9.46
CA PRO C 25 -8.30 2.47 -8.13
C PRO C 25 -7.57 3.26 -7.05
N GLN C 26 -8.31 3.54 -5.99
CA GLN C 26 -7.65 4.07 -4.80
C GLN C 26 -7.37 2.88 -3.87
N LYS C 27 -6.15 2.74 -3.38
CA LYS C 27 -5.79 1.50 -2.67
C LYS C 27 -6.03 1.56 -1.16
N PHE C 28 -6.51 0.41 -0.68
CA PHE C 28 -6.82 0.19 0.71
C PHE C 28 -6.32 -1.20 1.14
N THR C 29 -5.92 -1.22 2.39
CA THR C 29 -5.60 -2.40 3.15
C THR C 29 -6.79 -2.74 4.03
N VAL C 30 -7.28 -3.96 3.80
CA VAL C 30 -8.43 -4.42 4.56
C VAL C 30 -8.24 -5.83 5.12
N ILE C 31 -8.94 -6.05 6.23
CA ILE C 31 -9.08 -7.41 6.72
C ILE C 31 -10.24 -8.05 5.94
N PHE C 32 -9.94 -9.19 5.31
CA PHE C 32 -10.99 -9.99 4.69
C PHE C 32 -11.59 -10.85 5.78
N ASP C 33 -12.76 -10.50 6.26
CA ASP C 33 -13.41 -10.96 7.49
C ASP C 33 -14.65 -11.78 7.28
N THR C 34 -14.59 -13.10 7.43
CA THR C 34 -15.63 -14.07 7.26
C THR C 34 -16.59 -14.03 8.45
N GLY C 35 -16.25 -13.20 9.44
CA GLY C 35 -17.18 -13.01 10.57
C GLY C 35 -18.04 -11.77 10.46
N SER C 36 -17.99 -10.97 9.40
CA SER C 36 -18.83 -9.77 9.30
C SER C 36 -19.20 -9.55 7.85
N SER C 37 -20.23 -8.73 7.61
CA SER C 37 -20.89 -8.66 6.32
C SER C 37 -20.84 -7.28 5.64
N VAL C 38 -20.10 -6.34 6.19
CA VAL C 38 -20.02 -5.01 5.57
C VAL C 38 -18.63 -4.75 5.03
N LEU C 39 -18.60 -3.91 4.02
CA LEU C 39 -17.37 -3.34 3.50
C LEU C 39 -17.31 -1.87 3.91
N TRP C 40 -16.30 -1.48 4.67
CA TRP C 40 -16.14 -0.05 4.95
C TRP C 40 -14.66 0.31 4.79
N VAL C 41 -14.42 1.58 4.44
CA VAL C 41 -13.09 2.16 4.50
C VAL C 41 -13.23 3.60 5.00
N PRO C 42 -12.15 4.23 5.42
CA PRO C 42 -12.23 5.64 5.88
C PRO C 42 -12.54 6.58 4.73
N SER C 43 -13.35 7.59 5.07
CA SER C 43 -13.79 8.59 4.12
C SER C 43 -12.86 9.79 4.02
N SER C 44 -12.75 10.38 2.83
CA SER C 44 -12.06 11.67 2.75
C SER C 44 -12.79 12.68 3.63
N LYS C 45 -14.10 12.49 3.74
CA LYS C 45 -14.87 13.39 4.60
C LYS C 45 -14.76 13.04 6.06
N CYS C 46 -13.65 12.43 6.50
CA CYS C 46 -13.59 12.16 7.95
C CYS C 46 -13.02 13.35 8.72
N ILE C 47 -13.95 14.15 9.25
CA ILE C 47 -13.74 15.23 10.19
C ILE C 47 -13.51 14.64 11.59
N ASN C 48 -12.35 14.94 12.15
CA ASN C 48 -11.99 14.63 13.52
C ASN C 48 -12.29 13.21 13.96
N SER C 49 -11.66 12.28 13.28
CA SER C 49 -11.43 10.90 13.65
C SER C 49 -9.97 10.62 13.28
N LYS C 50 -9.10 10.67 14.29
CA LYS C 50 -7.68 10.65 13.90
C LYS C 50 -7.36 9.30 13.28
N ALA C 51 -8.09 8.27 13.71
CA ALA C 51 -8.01 6.96 13.08
C ALA C 51 -8.16 7.10 11.57
N CYS C 52 -9.23 7.79 11.15
CA CYS C 52 -9.43 8.00 9.71
C CYS C 52 -8.19 8.67 9.12
N ARG C 53 -7.70 9.73 9.76
CA ARG C 53 -6.59 10.48 9.15
C ARG C 53 -5.29 9.72 9.23
N ALA C 54 -5.19 8.73 10.12
CA ALA C 54 -3.98 7.90 10.07
C ALA C 54 -4.04 6.89 8.92
N HIS C 55 -5.18 6.82 8.23
CA HIS C 55 -5.30 5.74 7.27
C HIS C 55 -5.60 6.23 5.86
N SER C 56 -5.50 5.32 4.89
CA SER C 56 -5.95 5.70 3.55
C SER C 56 -7.44 6.06 3.59
N MET C 57 -7.82 7.13 2.91
CA MET C 57 -9.16 7.68 2.79
C MET C 57 -9.72 7.64 1.37
N TYR C 58 -11.03 7.39 1.32
CA TYR C 58 -11.69 7.32 0.02
C TYR C 58 -12.18 8.71 -0.41
N GLU C 59 -11.87 9.09 -1.63
CA GLU C 59 -12.27 10.39 -2.18
C GLU C 59 -13.15 10.17 -3.38
N SER C 60 -14.47 10.28 -3.15
CA SER C 60 -15.38 9.99 -4.26
C SER C 60 -15.16 10.96 -5.41
N SER C 61 -14.64 12.16 -5.11
CA SER C 61 -14.51 13.08 -6.27
C SER C 61 -13.38 12.66 -7.19
N ASP C 62 -12.56 11.68 -6.80
CA ASP C 62 -11.46 11.37 -7.72
C ASP C 62 -11.73 10.11 -8.52
N SER C 63 -12.97 9.64 -8.46
CA SER C 63 -13.36 8.39 -9.07
C SER C 63 -14.42 8.56 -10.13
N SER C 64 -14.18 8.07 -11.34
CA SER C 64 -15.16 8.24 -12.41
C SER C 64 -16.33 7.27 -12.35
N THR C 65 -16.23 6.21 -11.53
CA THR C 65 -17.32 5.25 -11.48
C THR C 65 -18.15 5.34 -10.22
N TYR C 66 -17.76 6.32 -9.40
CA TYR C 66 -18.50 6.57 -8.18
C TYR C 66 -19.95 6.95 -8.45
N LYS C 67 -20.85 6.40 -7.66
CA LYS C 67 -22.26 6.79 -7.74
C LYS C 67 -22.77 7.02 -6.33
N GLU C 68 -23.31 8.23 -6.11
CA GLU C 68 -23.70 8.56 -4.74
C GLU C 68 -24.90 7.70 -4.30
N ASN C 69 -24.95 7.54 -2.98
CA ASN C 69 -26.04 6.88 -2.28
C ASN C 69 -26.40 7.80 -1.12
N GLY C 70 -25.47 7.98 -0.17
CA GLY C 70 -25.73 8.86 0.94
C GLY C 70 -26.45 8.28 2.13
N THR C 71 -27.02 7.10 2.00
CA THR C 71 -27.71 6.43 3.12
C THR C 71 -26.83 6.29 4.34
N PHE C 72 -27.33 6.50 5.55
CA PHE C 72 -26.51 6.43 6.75
C PHE C 72 -26.20 4.97 7.08
N GLY C 73 -24.98 4.72 7.57
CA GLY C 73 -24.56 3.36 7.90
C GLY C 73 -23.76 3.35 9.18
N ALA C 74 -23.89 2.26 9.94
CA ALA C 74 -23.07 2.17 11.15
C ALA C 74 -22.84 0.71 11.50
N ILE C 75 -21.74 0.39 12.14
CA ILE C 75 -21.48 -1.01 12.49
C ILE C 75 -20.92 -1.18 13.89
N ILE C 76 -21.49 -2.11 14.65
CA ILE C 76 -20.97 -2.32 16.01
C ILE C 76 -20.31 -3.69 16.03
N TYR C 77 -19.00 -3.65 15.90
CA TYR C 77 -18.12 -4.82 15.88
C TYR C 77 -18.11 -5.54 17.22
N GLY C 78 -17.23 -6.53 17.39
CA GLY C 78 -17.11 -7.29 18.61
C GLY C 78 -16.43 -6.53 19.74
N THR C 79 -16.05 -5.29 19.49
CA THR C 79 -15.48 -4.35 20.43
C THR C 79 -15.81 -2.91 20.03
N GLY C 80 -15.53 -2.57 18.77
CA GLY C 80 -15.66 -1.23 18.26
C GLY C 80 -16.73 -1.04 17.21
N SER C 81 -16.75 0.14 16.60
CA SER C 81 -17.79 0.54 15.67
C SER C 81 -17.41 1.71 14.76
N ILE C 82 -18.00 1.66 13.58
CA ILE C 82 -17.79 2.59 12.50
C ILE C 82 -19.07 3.34 12.18
N THR C 83 -19.01 4.60 11.79
CA THR C 83 -20.20 5.21 11.21
C THR C 83 -19.81 6.04 9.99
N GLY C 84 -20.74 6.14 9.04
CA GLY C 84 -20.51 6.92 7.84
C GLY C 84 -21.74 6.79 6.97
N PHE C 85 -21.52 6.95 5.67
CA PHE C 85 -22.62 6.83 4.74
C PHE C 85 -22.28 5.86 3.62
N PHE C 86 -23.33 5.26 3.04
CA PHE C 86 -23.10 4.36 1.92
C PHE C 86 -22.74 5.11 0.66
N SER C 87 -21.84 4.49 -0.10
CA SER C 87 -21.51 4.93 -1.44
C SER C 87 -21.40 3.71 -2.34
N GLN C 88 -21.37 3.93 -3.63
CA GLN C 88 -21.22 2.90 -4.64
C GLN C 88 -20.05 3.22 -5.57
N ASP C 89 -19.24 2.20 -5.85
CA ASP C 89 -18.11 2.39 -6.76
C ASP C 89 -17.66 1.05 -7.31
N SER C 90 -16.68 1.01 -8.21
CA SER C 90 -16.15 -0.31 -8.58
C SER C 90 -15.10 -0.73 -7.55
N VAL C 91 -15.12 -1.99 -7.13
CA VAL C 91 -14.06 -2.44 -6.22
C VAL C 91 -13.16 -3.46 -6.90
N THR C 92 -11.86 -3.17 -6.88
CA THR C 92 -10.94 -4.04 -7.61
C THR C 92 -10.20 -4.95 -6.66
N ILE C 93 -10.27 -6.23 -7.00
CA ILE C 93 -9.67 -7.26 -6.13
C ILE C 93 -8.94 -8.26 -6.98
N GLY C 94 -7.62 -8.27 -6.79
CA GLY C 94 -6.81 -9.10 -7.69
C GLY C 94 -7.11 -8.59 -9.11
N ASP C 95 -7.45 -9.51 -10.00
CA ASP C 95 -7.87 -9.23 -11.35
C ASP C 95 -9.35 -8.89 -11.44
N LEU C 96 -10.06 -8.90 -10.30
CA LEU C 96 -11.50 -8.73 -10.46
C LEU C 96 -11.93 -7.31 -10.19
N VAL C 97 -12.88 -6.91 -11.03
CA VAL C 97 -13.50 -5.63 -10.81
C VAL C 97 -14.97 -5.84 -10.48
N VAL C 98 -15.35 -5.51 -9.25
CA VAL C 98 -16.74 -5.74 -8.85
C VAL C 98 -17.49 -4.44 -9.06
N LYS C 99 -18.55 -4.52 -9.85
CA LYS C 99 -19.23 -3.25 -10.15
C LYS C 99 -20.35 -2.97 -9.16
N GLU C 100 -20.70 -1.70 -9.01
CA GLU C 100 -21.90 -1.31 -8.26
C GLU C 100 -21.89 -1.89 -6.85
N GLN C 101 -20.70 -2.01 -6.30
CA GLN C 101 -20.53 -2.46 -4.93
C GLN C 101 -20.75 -1.32 -3.94
N ASP C 102 -21.69 -1.53 -3.03
CA ASP C 102 -21.99 -0.56 -1.99
C ASP C 102 -21.02 -0.74 -0.83
N PHE C 103 -20.59 0.36 -0.24
CA PHE C 103 -19.76 0.31 0.95
C PHE C 103 -20.01 1.56 1.77
N ILE C 104 -19.64 1.48 3.04
CA ILE C 104 -19.74 2.62 3.91
C ILE C 104 -18.43 3.40 3.86
N GLU C 105 -18.52 4.69 3.53
CA GLU C 105 -17.32 5.51 3.76
C GLU C 105 -17.54 6.07 5.17
N ALA C 106 -16.67 5.64 6.07
CA ALA C 106 -16.74 5.90 7.49
C ALA C 106 -16.27 7.31 7.84
N THR C 107 -17.17 8.05 8.50
CA THR C 107 -16.82 9.42 8.88
C THR C 107 -16.56 9.53 10.37
N ASP C 108 -16.79 8.46 11.11
CA ASP C 108 -16.29 8.32 12.48
C ASP C 108 -15.89 6.87 12.73
N GLU C 109 -14.81 6.66 13.47
CA GLU C 109 -14.38 5.33 13.88
C GLU C 109 -13.93 5.36 15.33
N ALA C 110 -14.06 4.30 16.14
CA ALA C 110 -13.45 4.42 17.48
C ALA C 110 -11.93 4.29 17.43
N ASP C 111 -11.18 5.31 17.82
CA ASP C 111 -9.72 5.35 17.72
C ASP C 111 -9.04 4.24 18.53
N ASN C 112 -9.59 4.01 19.72
CA ASN C 112 -9.10 2.98 20.62
C ASN C 112 -9.00 1.65 19.92
N VAL C 113 -9.93 1.41 18.99
CA VAL C 113 -10.02 0.17 18.25
C VAL C 113 -9.31 0.28 16.90
N PHE C 114 -9.43 1.43 16.23
CA PHE C 114 -8.99 1.45 14.84
C PHE C 114 -7.73 2.24 14.59
N LEU C 115 -7.38 3.16 15.49
CA LEU C 115 -6.22 4.00 15.22
C LEU C 115 -4.94 3.17 15.19
N HIS C 116 -4.81 2.21 16.11
CA HIS C 116 -3.51 1.53 16.24
C HIS C 116 -3.42 0.23 15.45
N ARG C 117 -4.15 0.20 14.35
CA ARG C 117 -4.25 -0.96 13.48
C ARG C 117 -3.67 -0.61 12.11
N LEU C 118 -3.03 -1.57 11.46
CA LEU C 118 -2.45 -1.27 10.15
C LEU C 118 -3.45 -1.30 9.01
N PHE C 119 -4.58 -2.00 9.17
CA PHE C 119 -5.53 -2.01 8.07
C PHE C 119 -6.33 -0.69 8.04
N ASP C 120 -6.79 -0.34 6.85
CA ASP C 120 -7.64 0.81 6.60
C ASP C 120 -9.12 0.54 6.84
N GLY C 121 -9.59 -0.63 6.39
CA GLY C 121 -10.99 -0.97 6.62
C GLY C 121 -11.20 -2.48 6.65
N ILE C 122 -12.46 -2.87 6.46
CA ILE C 122 -12.82 -4.29 6.54
C ILE C 122 -13.71 -4.65 5.37
N LEU C 123 -13.47 -5.80 4.79
CA LEU C 123 -14.28 -6.35 3.71
C LEU C 123 -14.92 -7.62 4.29
N GLY C 124 -16.21 -7.52 4.57
CA GLY C 124 -16.97 -8.58 5.17
C GLY C 124 -17.27 -9.68 4.19
N LEU C 125 -17.09 -10.92 4.65
CA LEU C 125 -17.36 -12.07 3.78
C LEU C 125 -18.47 -12.94 4.34
N SER C 126 -19.15 -12.49 5.40
CA SER C 126 -20.22 -13.29 5.97
C SER C 126 -21.52 -13.01 5.21
N PHE C 127 -22.60 -13.62 5.67
CA PHE C 127 -23.85 -13.59 4.94
C PHE C 127 -24.51 -12.20 5.02
N GLN C 128 -25.26 -11.87 3.98
CA GLN C 128 -25.75 -10.52 3.81
C GLN C 128 -26.65 -10.08 4.96
N THR C 129 -26.46 -8.84 5.37
CA THR C 129 -27.36 -8.22 6.34
C THR C 129 -27.99 -7.00 5.67
N ILE C 130 -27.34 -5.85 5.68
CA ILE C 130 -27.92 -4.60 5.22
C ILE C 130 -27.59 -4.26 3.77
N SER C 131 -26.47 -4.75 3.25
CA SER C 131 -26.01 -4.35 1.93
C SER C 131 -25.54 -5.58 1.16
N VAL C 132 -25.53 -5.59 -0.17
CA VAL C 132 -25.09 -6.80 -0.84
C VAL C 132 -23.58 -6.91 -0.69
N PRO C 133 -23.05 -7.93 -0.01
CA PRO C 133 -21.59 -7.98 0.16
C PRO C 133 -20.82 -8.19 -1.13
N VAL C 134 -19.53 -7.87 -1.12
CA VAL C 134 -18.65 -8.04 -2.27
C VAL C 134 -18.81 -9.39 -2.93
N TRP C 135 -18.81 -10.46 -2.14
CA TRP C 135 -18.89 -11.80 -2.67
C TRP C 135 -20.18 -12.04 -3.44
N TYR C 136 -21.29 -11.56 -2.92
CA TYR C 136 -22.58 -11.83 -3.59
C TYR C 136 -22.59 -11.17 -4.97
N ASN C 137 -22.03 -9.96 -4.99
CA ASN C 137 -21.91 -9.24 -6.25
C ASN C 137 -21.00 -9.99 -7.21
N MET C 138 -19.99 -10.67 -6.64
CA MET C 138 -19.09 -11.42 -7.50
C MET C 138 -19.87 -12.51 -8.21
N LEU C 139 -20.71 -13.14 -7.39
CA LEU C 139 -21.51 -14.23 -7.92
C LEU C 139 -22.54 -13.70 -8.92
N ASN C 140 -23.27 -12.67 -8.50
CA ASN C 140 -24.34 -12.12 -9.35
C ASN C 140 -23.77 -11.69 -10.70
N GLN C 141 -22.60 -11.05 -10.71
CA GLN C 141 -21.97 -10.63 -11.96
C GLN C 141 -21.16 -11.70 -12.66
N GLY C 142 -21.26 -12.97 -12.24
CA GLY C 142 -20.62 -14.04 -12.97
C GLY C 142 -19.12 -14.01 -12.95
N LEU C 143 -18.50 -13.31 -11.98
CA LEU C 143 -17.05 -13.17 -12.06
C LEU C 143 -16.26 -14.31 -11.47
N VAL C 144 -16.91 -15.26 -10.80
CA VAL C 144 -16.14 -16.39 -10.28
C VAL C 144 -16.54 -17.69 -10.97
N LYS C 145 -15.58 -18.57 -11.18
CA LYS C 145 -15.69 -19.86 -11.83
C LYS C 145 -16.29 -20.91 -10.90
N GLU C 146 -15.96 -20.79 -9.63
CA GLU C 146 -16.51 -21.60 -8.55
C GLU C 146 -17.16 -20.68 -7.51
N ARG C 147 -18.24 -21.17 -6.92
CA ARG C 147 -18.96 -20.37 -5.89
C ARG C 147 -18.33 -20.64 -4.53
N ARG C 148 -17.00 -20.45 -4.51
CA ARG C 148 -16.18 -20.76 -3.34
C ARG C 148 -15.04 -19.75 -3.21
N PHE C 149 -14.63 -19.49 -1.96
CA PHE C 149 -13.40 -18.74 -1.68
C PHE C 149 -12.66 -19.47 -0.55
N SER C 150 -11.36 -19.32 -0.49
CA SER C 150 -10.52 -20.12 0.40
C SER C 150 -9.36 -19.31 0.98
N PHE C 151 -8.96 -19.69 2.20
CA PHE C 151 -7.90 -19.02 2.91
C PHE C 151 -6.78 -19.97 3.33
N TRP C 152 -5.57 -19.52 2.98
CA TRP C 152 -4.35 -20.01 3.60
C TRP C 152 -3.81 -18.90 4.51
N LEU C 153 -3.66 -19.23 5.78
CA LEU C 153 -3.07 -18.34 6.76
C LEU C 153 -1.75 -18.95 7.26
N ASN C 154 -0.66 -18.25 6.96
CA ASN C 154 0.65 -18.72 7.39
C ASN C 154 0.97 -18.30 8.81
N ARG C 155 1.91 -19.02 9.41
CA ARG C 155 2.53 -18.58 10.64
C ARG C 155 3.29 -17.27 10.37
N ASN C 156 3.57 -16.60 11.47
CA ASN C 156 4.23 -15.32 11.56
C ASN C 156 5.73 -15.52 11.43
N VAL C 157 6.23 -15.25 10.26
CA VAL C 157 7.57 -15.54 9.81
C VAL C 157 8.09 -14.39 8.96
N ASP C 158 9.08 -13.64 9.43
CA ASP C 158 9.53 -12.42 8.77
C ASP C 158 9.75 -12.60 7.27
N GLU C 159 10.36 -13.71 6.82
N GLU C 159 10.36 -13.74 7.00
CA GLU C 159 10.66 -13.72 5.38
CA GLU C 159 10.85 -14.40 5.83
C GLU C 159 9.68 -14.58 4.60
C GLU C 159 9.80 -15.24 5.11
N GLU C 160 8.52 -14.89 5.17
CA GLU C 160 7.56 -15.70 4.42
C GLU C 160 6.28 -14.92 4.11
N GLU C 161 5.56 -15.38 3.09
CA GLU C 161 4.25 -14.79 2.82
C GLU C 161 3.35 -14.94 4.06
N GLY C 162 2.48 -13.95 4.26
CA GLY C 162 1.62 -14.04 5.42
C GLY C 162 0.45 -14.97 5.21
N GLY C 163 0.06 -15.13 3.96
CA GLY C 163 -1.11 -15.95 3.67
C GLY C 163 -1.64 -15.60 2.29
N GLU C 164 -2.73 -16.24 1.91
CA GLU C 164 -3.27 -16.08 0.57
C GLU C 164 -4.77 -16.44 0.58
N LEU C 165 -5.53 -15.53 0.00
CA LEU C 165 -6.97 -15.67 -0.14
C LEU C 165 -7.28 -15.86 -1.63
N VAL C 166 -8.08 -16.87 -1.94
CA VAL C 166 -8.47 -17.12 -3.33
C VAL C 166 -10.00 -17.00 -3.45
N PHE C 167 -10.44 -16.10 -4.29
CA PHE C 167 -11.85 -15.96 -4.67
C PHE C 167 -12.11 -16.83 -5.86
N GLY C 168 -13.11 -17.70 -5.79
CA GLY C 168 -13.46 -18.47 -6.96
C GLY C 168 -12.63 -19.71 -7.18
N GLY C 169 -11.89 -20.15 -6.16
CA GLY C 169 -11.10 -21.37 -6.25
C GLY C 169 -10.27 -21.66 -5.01
N LEU C 170 -9.38 -22.64 -5.13
CA LEU C 170 -8.48 -23.13 -4.13
C LEU C 170 -7.05 -23.14 -4.69
N ASP C 171 -6.07 -22.93 -3.83
CA ASP C 171 -4.67 -23.04 -4.17
C ASP C 171 -4.14 -24.35 -3.62
N PRO C 172 -3.95 -25.37 -4.46
CA PRO C 172 -3.57 -26.69 -3.96
C PRO C 172 -2.18 -26.72 -3.32
N ASN C 173 -1.38 -25.70 -3.60
CA ASN C 173 -0.07 -25.65 -2.94
C ASN C 173 -0.20 -25.41 -1.45
N HIS C 174 -1.37 -24.98 -0.98
CA HIS C 174 -1.44 -24.67 0.45
C HIS C 174 -2.26 -25.61 1.28
N PHE C 175 -2.52 -26.82 0.83
CA PHE C 175 -3.13 -27.83 1.69
C PHE C 175 -2.73 -29.24 1.24
N ARG C 176 -2.94 -30.18 2.16
CA ARG C 176 -2.74 -31.58 1.81
C ARG C 176 -4.00 -32.38 2.15
N GLY C 177 -4.16 -33.47 1.40
CA GLY C 177 -5.35 -34.30 1.60
C GLY C 177 -6.54 -33.59 0.96
N ASP C 178 -7.70 -34.22 1.06
CA ASP C 178 -8.97 -33.63 0.67
C ASP C 178 -9.50 -32.77 1.82
N HIS C 179 -10.24 -31.73 1.56
CA HIS C 179 -10.97 -31.03 2.62
C HIS C 179 -12.10 -31.90 3.15
N THR C 180 -12.32 -31.82 4.45
CA THR C 180 -13.48 -32.36 5.12
C THR C 180 -14.57 -31.29 5.09
N TYR C 181 -15.68 -31.56 4.41
CA TYR C 181 -16.71 -30.52 4.29
C TYR C 181 -17.90 -30.78 5.21
N VAL C 182 -18.36 -29.74 5.90
CA VAL C 182 -19.55 -29.88 6.76
C VAL C 182 -20.55 -28.80 6.35
N PRO C 183 -21.85 -29.08 6.46
CA PRO C 183 -22.88 -28.12 6.10
C PRO C 183 -22.94 -26.90 7.01
N VAL C 184 -23.26 -25.75 6.43
CA VAL C 184 -23.56 -24.54 7.18
C VAL C 184 -24.88 -24.75 7.92
N THR C 185 -24.90 -24.62 9.24
CA THR C 185 -26.10 -24.97 10.00
C THR C 185 -26.99 -23.79 10.34
N TYR C 186 -26.38 -22.61 10.28
CA TYR C 186 -27.07 -21.37 10.51
C TYR C 186 -26.37 -20.31 9.67
N GLN C 187 -27.14 -19.78 8.73
CA GLN C 187 -26.59 -18.84 7.77
C GLN C 187 -26.54 -17.42 8.29
N TYR C 188 -25.53 -17.04 9.05
CA TYR C 188 -25.32 -15.67 9.53
C TYR C 188 -23.81 -15.43 9.49
N TYR C 189 -23.15 -16.24 10.31
CA TYR C 189 -21.72 -16.46 10.17
C TYR C 189 -21.53 -17.70 9.32
N TRP C 190 -20.28 -18.08 9.08
CA TRP C 190 -20.07 -19.36 8.41
C TRP C 190 -19.96 -20.45 9.45
N GLN C 191 -21.14 -20.87 9.88
CA GLN C 191 -21.39 -21.68 11.06
C GLN C 191 -21.76 -23.11 10.72
N PHE C 192 -21.23 -24.02 11.53
CA PHE C 192 -21.47 -25.45 11.34
C PHE C 192 -21.47 -26.18 12.66
N GLY C 193 -21.90 -27.44 12.67
CA GLY C 193 -21.91 -28.25 13.88
C GLY C 193 -20.55 -28.89 14.15
N ILE C 194 -20.25 -29.07 15.43
CA ILE C 194 -19.05 -29.75 15.86
C ILE C 194 -19.36 -30.75 16.98
N GLY C 195 -18.43 -31.66 17.25
CA GLY C 195 -18.62 -32.58 18.37
C GLY C 195 -17.73 -32.27 19.55
N ASP C 196 -17.28 -33.37 20.17
CA ASP C 196 -16.55 -33.28 21.42
C ASP C 196 -15.21 -32.59 21.23
N VAL C 197 -14.82 -31.86 22.26
CA VAL C 197 -13.51 -31.20 22.28
C VAL C 197 -12.66 -31.96 23.31
N LEU C 198 -11.50 -32.42 22.87
CA LEU C 198 -10.67 -33.30 23.69
C LEU C 198 -9.33 -32.70 24.06
N ILE C 199 -8.92 -33.03 25.29
CA ILE C 199 -7.58 -32.68 25.73
C ILE C 199 -6.78 -33.99 25.70
N GLY C 200 -5.82 -34.03 24.78
CA GLY C 200 -5.23 -35.33 24.41
C GLY C 200 -6.36 -36.24 23.98
N ASP C 201 -6.50 -37.38 24.65
CA ASP C 201 -7.65 -38.21 24.29
C ASP C 201 -8.69 -38.14 25.41
N LYS C 202 -8.53 -37.13 26.25
CA LYS C 202 -9.51 -36.83 27.27
C LYS C 202 -10.66 -35.98 26.69
N SER C 203 -11.88 -36.39 26.94
CA SER C 203 -13.08 -35.64 26.64
C SER C 203 -13.34 -34.51 27.62
N THR C 204 -13.75 -33.34 27.11
CA THR C 204 -14.04 -32.21 28.00
C THR C 204 -15.51 -32.12 28.39
N GLY C 205 -16.31 -32.98 27.85
CA GLY C 205 -17.67 -33.38 28.03
C GLY C 205 -18.73 -32.46 27.45
N PHE C 206 -18.59 -31.18 27.70
CA PHE C 206 -19.60 -30.16 27.43
C PHE C 206 -20.08 -30.20 25.99
N CYS C 207 -19.21 -30.39 24.99
CA CYS C 207 -19.67 -30.38 23.59
C CYS C 207 -19.85 -31.77 23.02
N ALA C 208 -19.67 -32.81 23.85
CA ALA C 208 -19.93 -34.17 23.34
C ALA C 208 -21.34 -34.33 22.80
N PRO C 209 -22.40 -33.81 23.41
CA PRO C 209 -23.71 -33.87 22.76
C PRO C 209 -23.81 -32.95 21.55
N GLY C 210 -22.82 -32.12 21.26
CA GLY C 210 -22.91 -31.31 20.04
C GLY C 210 -22.91 -29.82 20.31
N CYS C 211 -22.06 -29.12 19.56
CA CYS C 211 -21.92 -27.68 19.68
C CYS C 211 -21.98 -27.10 18.28
N GLN C 212 -21.82 -25.80 18.19
CA GLN C 212 -21.76 -25.00 17.00
C GLN C 212 -20.43 -24.25 16.95
N ALA C 213 -19.98 -23.95 15.74
CA ALA C 213 -18.79 -23.14 15.57
C ALA C 213 -18.89 -22.37 14.27
N PHE C 214 -18.19 -21.25 14.19
CA PHE C 214 -18.01 -20.61 12.92
C PHE C 214 -16.53 -20.29 12.75
N ALA C 215 -16.14 -20.28 11.51
CA ALA C 215 -14.76 -19.97 11.12
C ALA C 215 -14.63 -18.48 10.83
N ASP C 216 -13.82 -17.81 11.64
CA ASP C 216 -13.74 -16.36 11.61
C ASP C 216 -12.33 -15.85 11.35
N SER C 217 -12.06 -15.56 10.08
CA SER C 217 -10.69 -15.11 9.82
C SER C 217 -10.39 -13.77 10.47
N GLY C 218 -11.43 -13.03 10.86
CA GLY C 218 -11.24 -11.73 11.49
C GLY C 218 -11.08 -11.78 12.98
N THR C 219 -10.93 -12.94 13.60
CA THR C 219 -10.75 -13.17 15.02
C THR C 219 -9.41 -13.85 15.23
N SER C 220 -8.64 -13.42 16.22
CA SER C 220 -7.29 -13.89 16.44
C SER C 220 -7.22 -15.29 17.02
N LEU C 221 -7.96 -15.49 18.10
CA LEU C 221 -7.86 -16.66 18.96
C LEU C 221 -9.06 -17.58 18.82
N LEU C 222 -9.21 -18.53 19.74
CA LEU C 222 -10.38 -19.36 19.82
C LEU C 222 -11.22 -18.86 21.00
N SER C 223 -12.51 -18.73 20.79
CA SER C 223 -13.40 -18.34 21.90
C SER C 223 -14.43 -19.43 22.08
N GLY C 224 -14.63 -19.95 23.27
CA GLY C 224 -15.60 -21.02 23.41
C GLY C 224 -16.14 -21.08 24.84
N PRO C 225 -17.04 -22.04 25.04
CA PRO C 225 -17.70 -22.23 26.32
C PRO C 225 -16.71 -22.32 27.49
N THR C 226 -16.99 -21.48 28.48
CA THR C 226 -16.28 -21.46 29.74
C THR C 226 -15.98 -22.84 30.26
N ALA C 227 -16.98 -23.71 30.21
CA ALA C 227 -16.83 -25.03 30.81
C ALA C 227 -15.69 -25.81 30.19
N ILE C 228 -15.48 -25.62 28.89
CA ILE C 228 -14.38 -26.33 28.24
C ILE C 228 -13.09 -25.54 28.33
N VAL C 229 -13.16 -24.24 28.14
CA VAL C 229 -11.93 -23.45 28.12
C VAL C 229 -11.26 -23.48 29.49
N THR C 230 -12.07 -23.55 30.54
CA THR C 230 -11.46 -23.56 31.88
C THR C 230 -10.65 -24.85 32.02
N GLN C 231 -11.18 -25.96 31.56
CA GLN C 231 -10.51 -27.24 31.52
C GLN C 231 -9.19 -27.16 30.79
N ILE C 232 -9.24 -26.57 29.58
CA ILE C 232 -8.01 -26.52 28.81
C ILE C 232 -6.96 -25.64 29.45
N ASN C 233 -7.42 -24.49 29.93
CA ASN C 233 -6.46 -23.53 30.43
C ASN C 233 -5.88 -24.02 31.77
N HIS C 234 -6.72 -24.75 32.49
CA HIS C 234 -6.26 -25.37 33.73
C HIS C 234 -5.19 -26.43 33.45
N ALA C 235 -5.50 -27.30 32.51
CA ALA C 235 -4.61 -28.39 32.14
C ALA C 235 -3.25 -27.89 31.69
N ILE C 236 -3.20 -26.76 30.99
CA ILE C 236 -1.93 -26.33 30.40
C ILE C 236 -1.20 -25.30 31.23
N GLY C 237 -1.83 -24.94 32.34
CA GLY C 237 -1.28 -23.99 33.29
C GLY C 237 -1.25 -22.56 32.82
N ALA C 238 -2.34 -22.12 32.19
CA ALA C 238 -2.45 -20.72 31.78
C ALA C 238 -3.11 -19.93 32.91
N ASN C 239 -2.50 -18.86 33.34
CA ASN C 239 -2.76 -18.07 34.52
C ASN C 239 -3.88 -18.57 35.43
N GLU D 1 -9.84 -13.21 27.59
CA GLU D 1 -9.14 -13.79 28.74
C GLU D 1 -7.74 -13.21 28.89
N GLU D 2 -6.84 -13.60 27.99
CA GLU D 2 -5.47 -13.10 27.99
C GLU D 2 -4.65 -13.75 29.12
N LEU D 3 -4.75 -15.07 29.14
CA LEU D 3 -3.98 -15.91 30.05
C LEU D 3 -2.66 -16.31 29.41
N GLN D 4 -1.59 -16.39 30.18
CA GLN D 4 -0.28 -16.74 29.65
C GLN D 4 0.19 -18.08 30.21
N VAL D 5 1.15 -18.66 29.49
CA VAL D 5 1.81 -19.87 29.92
C VAL D 5 3.31 -19.63 29.91
N ASP D 6 4.03 -20.50 30.63
CA ASP D 6 5.49 -20.43 30.62
C ASP D 6 5.98 -20.94 29.28
N CYS D 7 6.69 -20.08 28.56
CA CYS D 7 7.15 -20.43 27.23
C CYS D 7 8.04 -21.64 27.22
N ASN D 8 8.62 -21.99 28.37
CA ASN D 8 9.51 -23.14 28.46
C ASN D 8 8.79 -24.47 28.56
N THR D 9 7.45 -24.40 28.66
CA THR D 9 6.69 -25.61 28.96
C THR D 9 5.79 -26.13 27.86
N LEU D 10 5.88 -25.59 26.66
CA LEU D 10 5.06 -26.00 25.54
C LEU D 10 5.35 -27.41 25.08
N SER D 11 6.61 -27.83 25.25
CA SER D 11 7.07 -29.13 24.78
C SER D 11 6.27 -30.26 25.42
N SER D 12 5.66 -30.05 26.61
CA SER D 12 4.94 -31.20 27.18
C SER D 12 3.45 -30.95 27.23
N MET D 13 2.98 -29.86 26.61
CA MET D 13 1.55 -29.63 26.62
C MET D 13 0.83 -30.62 25.73
N PRO D 14 -0.43 -30.91 26.07
CA PRO D 14 -1.22 -31.81 25.26
C PRO D 14 -1.70 -31.17 23.95
N ASN D 15 -2.02 -32.03 22.97
CA ASN D 15 -2.76 -31.56 21.80
C ASN D 15 -4.22 -31.36 22.24
N VAL D 16 -4.88 -30.44 21.55
CA VAL D 16 -6.29 -30.20 21.79
C VAL D 16 -6.99 -30.40 20.44
N SER D 17 -7.99 -31.25 20.44
CA SER D 17 -8.70 -31.65 19.25
C SER D 17 -10.17 -31.22 19.23
N PHE D 18 -10.58 -30.73 18.08
CA PHE D 18 -11.96 -30.48 17.76
C PHE D 18 -12.48 -31.57 16.84
N THR D 19 -13.60 -32.17 17.21
CA THR D 19 -14.30 -33.08 16.34
C THR D 19 -15.25 -32.33 15.40
N ILE D 20 -14.97 -32.48 14.11
CA ILE D 20 -15.74 -31.83 13.06
C ILE D 20 -16.02 -32.82 11.94
N GLY D 21 -17.31 -32.96 11.66
CA GLY D 21 -17.75 -33.91 10.66
C GLY D 21 -17.27 -35.32 10.97
N GLY D 22 -17.08 -35.61 12.24
CA GLY D 22 -16.69 -36.91 12.75
C GLY D 22 -15.20 -37.14 12.70
N LYS D 23 -14.45 -36.11 12.31
CA LYS D 23 -13.00 -36.21 12.19
C LYS D 23 -12.35 -35.35 13.26
N LYS D 24 -11.25 -35.81 13.83
CA LYS D 24 -10.56 -35.04 14.86
C LYS D 24 -9.62 -34.03 14.22
N PHE D 25 -9.76 -32.76 14.51
CA PHE D 25 -8.86 -31.73 14.03
C PHE D 25 -8.01 -31.31 15.21
N GLY D 26 -6.81 -31.84 15.32
CA GLY D 26 -5.92 -31.51 16.42
C GLY D 26 -5.19 -30.20 16.22
N LEU D 27 -4.87 -29.60 17.36
CA LEU D 27 -3.99 -28.47 17.45
C LEU D 27 -2.83 -28.79 18.39
N THR D 28 -1.59 -28.57 17.96
CA THR D 28 -0.44 -28.69 18.83
C THR D 28 -0.26 -27.43 19.66
N PRO D 29 0.46 -27.52 20.77
CA PRO D 29 0.77 -26.34 21.58
C PRO D 29 1.40 -25.22 20.76
N GLU D 30 2.29 -25.54 19.84
CA GLU D 30 2.92 -24.57 18.97
C GLU D 30 1.87 -23.82 18.15
N GLN D 31 0.74 -24.45 17.93
CA GLN D 31 -0.35 -23.89 17.14
C GLN D 31 -1.30 -23.13 18.04
N TYR D 32 -1.62 -23.64 19.24
CA TYR D 32 -2.68 -22.99 20.02
C TYR D 32 -2.12 -21.97 21.00
N ILE D 33 -0.81 -21.88 21.12
CA ILE D 33 -0.18 -20.81 21.89
C ILE D 33 0.24 -19.68 20.93
N LEU D 34 -0.23 -18.48 21.25
CA LEU D 34 0.18 -17.26 20.57
C LEU D 34 1.45 -16.72 21.20
N LYS D 35 2.51 -16.63 20.41
CA LYS D 35 3.75 -16.01 20.86
C LYS D 35 3.78 -14.52 20.48
N VAL D 36 4.12 -13.72 21.48
CA VAL D 36 4.25 -12.29 21.36
C VAL D 36 5.73 -11.90 21.58
N GLY D 37 6.34 -11.33 20.55
CA GLY D 37 7.73 -10.94 20.68
C GLY D 37 8.67 -12.07 20.30
N LYS D 38 9.96 -11.79 20.47
CA LYS D 38 11.01 -12.70 20.03
C LYS D 38 11.93 -13.08 21.19
N GLY D 39 12.63 -14.19 20.96
CA GLY D 39 13.58 -14.85 21.80
C GLY D 39 13.37 -14.67 23.28
N GLU D 40 13.84 -13.54 23.80
CA GLU D 40 13.91 -13.35 25.25
C GLU D 40 12.63 -12.82 25.88
N ALA D 41 12.07 -11.77 25.31
CA ALA D 41 10.88 -11.10 25.82
C ALA D 41 9.59 -11.75 25.34
N THR D 42 9.72 -12.90 24.67
CA THR D 42 8.55 -13.61 24.21
C THR D 42 7.54 -13.85 25.32
N GLN D 43 6.30 -13.45 25.07
CA GLN D 43 5.20 -13.90 25.91
C GLN D 43 4.37 -14.96 25.17
N CYS D 44 3.91 -15.96 25.89
CA CYS D 44 3.15 -17.08 25.37
C CYS D 44 1.74 -17.02 25.94
N ILE D 45 0.79 -16.75 25.06
CA ILE D 45 -0.60 -16.49 25.38
C ILE D 45 -1.47 -17.68 24.96
N SER D 46 -2.35 -18.14 25.83
CA SER D 46 -3.25 -19.22 25.48
C SER D 46 -4.19 -18.72 24.37
N GLY D 47 -4.39 -19.53 23.35
CA GLY D 47 -5.30 -19.21 22.26
C GLY D 47 -6.72 -19.56 22.58
N PHE D 48 -6.92 -20.01 23.84
CA PHE D 48 -8.26 -20.37 24.23
C PHE D 48 -8.83 -19.30 25.18
N THR D 49 -9.92 -18.67 24.76
CA THR D 49 -10.61 -17.65 25.53
C THR D 49 -12.06 -18.02 25.73
N ALA D 50 -12.59 -17.69 26.90
CA ALA D 50 -13.93 -18.12 27.26
C ALA D 50 -14.97 -17.11 26.77
N MET D 51 -16.02 -17.66 26.23
CA MET D 51 -17.10 -16.86 25.71
C MET D 51 -18.31 -17.78 25.67
N ASP D 52 -19.30 -17.44 26.46
CA ASP D 52 -20.55 -18.16 26.56
C ASP D 52 -21.57 -17.43 25.70
N ALA D 53 -21.85 -18.06 24.56
CA ALA D 53 -22.80 -17.49 23.60
C ALA D 53 -23.48 -18.68 22.95
N THR D 54 -24.70 -18.46 22.51
CA THR D 54 -25.50 -19.49 21.87
C THR D 54 -26.04 -18.98 20.54
N LEU D 55 -25.86 -19.72 19.45
CA LEU D 55 -26.64 -19.55 18.23
C LEU D 55 -26.99 -20.98 17.79
N LEU D 56 -28.23 -21.34 18.05
CA LEU D 56 -28.78 -22.68 17.98
C LEU D 56 -28.28 -23.51 19.19
N GLY D 57 -26.96 -23.51 19.40
CA GLY D 57 -26.33 -24.22 20.51
C GLY D 57 -25.07 -23.50 20.96
N PRO D 58 -24.38 -24.08 21.94
CA PRO D 58 -23.17 -23.44 22.48
C PRO D 58 -22.18 -23.22 21.35
N LEU D 59 -21.65 -22.02 21.31
CA LEU D 59 -20.93 -21.54 20.14
C LEU D 59 -19.46 -21.34 20.40
N TRP D 60 -18.65 -21.83 19.45
CA TRP D 60 -17.24 -21.54 19.35
C TRP D 60 -16.97 -20.57 18.21
N ILE D 61 -16.04 -19.66 18.42
CA ILE D 61 -15.43 -18.90 17.34
C ILE D 61 -14.05 -19.47 17.04
N LEU D 62 -13.87 -20.03 15.84
CA LEU D 62 -12.59 -20.59 15.41
C LEU D 62 -11.88 -19.56 14.55
N GLY D 63 -10.99 -18.80 15.18
CA GLY D 63 -10.24 -17.74 14.57
C GLY D 63 -8.91 -18.18 13.98
N ASP D 64 -7.98 -17.27 13.82
CA ASP D 64 -6.71 -17.48 13.13
C ASP D 64 -5.93 -18.62 13.76
N VAL D 65 -6.01 -18.83 15.08
CA VAL D 65 -5.33 -19.98 15.69
C VAL D 65 -5.69 -21.30 14.99
N PHE D 66 -6.96 -21.46 14.61
CA PHE D 66 -7.40 -22.65 13.92
C PHE D 66 -7.17 -22.58 12.43
N MET D 67 -7.40 -21.38 11.87
CA MET D 67 -7.34 -21.22 10.43
C MET D 67 -5.92 -21.18 9.89
N ARG D 68 -4.92 -21.14 10.77
CA ARG D 68 -3.54 -21.33 10.33
C ARG D 68 -3.28 -22.81 10.03
N PRO D 69 -3.37 -23.75 10.94
CA PRO D 69 -3.02 -25.14 10.58
C PRO D 69 -4.05 -25.82 9.68
N TYR D 70 -5.23 -25.22 9.54
CA TYR D 70 -6.26 -25.79 8.67
C TYR D 70 -6.68 -24.81 7.59
N HIS D 71 -6.27 -25.10 6.36
CA HIS D 71 -6.69 -24.37 5.15
C HIS D 71 -8.19 -24.44 5.05
N THR D 72 -8.85 -23.32 4.80
CA THR D 72 -10.31 -23.29 4.91
C THR D 72 -10.97 -22.86 3.60
N VAL D 73 -12.00 -23.62 3.23
CA VAL D 73 -12.86 -23.39 2.10
C VAL D 73 -14.27 -23.01 2.56
N PHE D 74 -14.71 -21.86 2.08
CA PHE D 74 -16.05 -21.35 2.24
C PHE D 74 -16.79 -21.57 0.92
N ASP D 75 -17.64 -22.59 0.92
CA ASP D 75 -18.40 -23.04 -0.24
C ASP D 75 -19.81 -22.44 -0.15
N TYR D 76 -19.99 -21.35 -0.85
CA TYR D 76 -21.27 -20.66 -0.91
C TYR D 76 -22.28 -21.45 -1.72
N GLY D 77 -21.92 -21.93 -2.91
CA GLY D 77 -22.86 -22.66 -3.75
C GLY D 77 -23.52 -23.84 -3.07
N ASN D 78 -22.77 -24.58 -2.25
CA ASN D 78 -23.23 -25.76 -1.57
C ASN D 78 -23.51 -25.49 -0.08
N LEU D 79 -23.20 -24.29 0.36
CA LEU D 79 -23.26 -23.89 1.75
C LEU D 79 -22.56 -24.87 2.67
N LEU D 80 -21.25 -24.99 2.47
CA LEU D 80 -20.38 -25.85 3.26
C LEU D 80 -19.14 -25.06 3.72
N VAL D 81 -18.52 -25.49 4.80
CA VAL D 81 -17.18 -25.06 5.19
C VAL D 81 -16.29 -26.30 5.14
N GLY D 82 -15.10 -26.16 4.58
CA GLY D 82 -14.20 -27.29 4.48
C GLY D 82 -12.84 -27.00 5.09
N PHE D 83 -12.25 -28.01 5.70
CA PHE D 83 -10.94 -27.91 6.32
C PHE D 83 -10.01 -29.01 5.85
N ALA D 84 -8.78 -28.63 5.54
CA ALA D 84 -7.68 -29.53 5.25
C ALA D 84 -6.40 -29.06 5.90
N GLU D 85 -5.53 -30.01 6.18
CA GLU D 85 -4.19 -29.67 6.70
C GLU D 85 -3.52 -28.66 5.80
N ALA D 86 -3.10 -27.53 6.35
CA ALA D 86 -2.46 -26.47 5.63
C ALA D 86 -1.04 -26.88 5.21
N ALA D 87 -0.53 -26.25 4.16
CA ALA D 87 0.85 -26.44 3.73
C ALA D 87 1.42 -25.16 3.16
#